data_8WNY
#
_entry.id   8WNY
#
_cell.length_a   1.00
_cell.length_b   1.00
_cell.length_c   1.00
_cell.angle_alpha   90.00
_cell.angle_beta   90.00
_cell.angle_gamma   90.00
#
_symmetry.space_group_name_H-M   'P 1'
#
loop_
_entity.id
_entity.type
_entity.pdbx_description
1 polymer 'Amino acid transporter heavy chain SLC3A2'
2 polymer 'Asc-type amino acid transporter 1'
3 non-polymer 2-acetamido-2-deoxy-beta-D-glucopyranose
4 non-polymer D-SERINE
#
loop_
_entity_poly.entity_id
_entity_poly.type
_entity_poly.pdbx_seq_one_letter_code
_entity_poly.pdbx_strand_id
1 'polypeptide(L)'
;MELQPPEASIAVVSIPRQLPGSHSEAGVQGLSAGDDSETGSDCVTQAGLQLLASSDPPALASKNAEVTVETGFHHVSQAD
IEFLTSIDPTASASGSAGITGTMSQDTEVDMKEVELNELEPEKQPMNAASGAAMSLAGAEKNGLVKIKVAEDEAEAAAAA
KFTGLSKEELLKVAGSPGWVRTRWALLLLFWLGWLGMLAGAVVIIVRAPRCRELPAQKWWHTGALYRIGDLQAFQGHGAG
NLAGLKGRLDYLSSLKVKGLVLGPIHKNQKDDVAQTDLLQIDPNFGSKEDFDSLLQSAKKKSIRVILDLTPNYRGENSWF
STQVDTVATKVKDALEFWLQAGVDGFQVRDIENLKDASSFLAEWQNITKGFSEDRLLIAGTNSSDLQQILSLLESNKDLL
LTSSYLSDSGSTGEHTKSLVTQYLNATGNRWCSWSLSQARLLTSFLPAQLLRLYQLMLFTLPGTPVFSYGDEIGLDAAAL
PGQPMEAPVMLWDESSFPDIPGAVSANMTVKGQSEDPGSLLSLFRRLSDQRSKERSLLHGDFHAFSAGPGLFSYIRHWDQ
NERFLVVLNFGDVGLSAGLQASDLPASASLPAKADLLLSTQPGREEGSPLELERLKLEPHEGLLLRFPYAA
;
A
2 'polypeptide(L)'
;MAGHTQQPSGRGNPRPAPSPSPVPGTVPGASERVALKKEIGLLSACTIIIGNIIGSGIFISPKGVLEHSGSVGLALFVWV
LGGGVTALGSLCYAELGVAIPKSGGDYAYVTEIFGGLAGFLLLWSAVLIMYPTSLAVISMTFSNYVLQPVFPNCIPPTTA
SRVLSMACLMLLTWVNSSSVRWATRIQDMFTGGKLLALSLIIGVGLLQIFQGHFEELRPSNAFAFWMTPSVGHLALAFLQ
GSFAFSGWNFLNYVTEEMVDARKNLPRAIFISIPLVTFVYTFTNIAYFTAMSPQELLSSNAVAVTFGEKLLGYFSWVMPV
SVALSTFGGINGYLFTYSRLCFSGAREGHLPSLLAMIHVRHCTPIPALLVCCGATAVIMLVGDTYTLINYVSFINYLCYG
VTILGLLLLRWRRPALHRPIKVNLLIPVAYLVFWAFLLVFSFISEPMVCGVGVIIILTGVPIFFLGVFWRSKPKCVHRLT
ESMTHWGQELCFVVYPQDAPEEEENGPCPPSLLPATDKPSKPQ
;
B
#
# COMPACT_ATOMS: atom_id res chain seq x y z
N THR A 163 -34.29 8.21 43.11
CA THR A 163 -34.37 8.64 41.73
C THR A 163 -35.59 9.53 41.48
N GLY A 164 -35.58 10.23 40.36
CA GLY A 164 -36.70 11.07 39.98
C GLY A 164 -37.13 10.84 38.55
N LEU A 165 -38.36 10.39 38.36
CA LEU A 165 -38.87 10.05 37.03
C LEU A 165 -40.39 10.05 37.09
N SER A 166 -40.99 10.09 35.91
CA SER A 166 -42.45 10.02 35.79
C SER A 166 -42.89 8.58 35.64
N LYS A 167 -44.05 8.27 36.22
CA LYS A 167 -44.59 6.91 36.16
C LYS A 167 -45.12 6.61 34.77
N GLU A 168 -45.38 5.33 34.52
CA GLU A 168 -45.89 4.91 33.22
C GLU A 168 -47.28 5.49 32.97
N GLU A 169 -48.19 5.36 33.93
CA GLU A 169 -49.51 5.95 33.81
C GLU A 169 -49.43 7.47 33.79
N LEU A 170 -48.56 8.04 34.62
CA LEU A 170 -48.38 9.49 34.62
C LEU A 170 -47.86 9.98 33.27
N LEU A 171 -46.89 9.26 32.70
CA LEU A 171 -46.37 9.64 31.38
C LEU A 171 -47.43 9.52 30.30
N LYS A 172 -48.24 8.45 30.36
CA LYS A 172 -49.32 8.31 29.38
C LYS A 172 -50.34 9.42 29.51
N VAL A 173 -50.63 9.86 30.74
CA VAL A 173 -51.54 10.99 30.94
C VAL A 173 -50.93 12.26 30.36
N ALA A 174 -49.64 12.51 30.63
CA ALA A 174 -49.02 13.76 30.22
C ALA A 174 -48.72 13.79 28.72
N GLY A 175 -48.33 12.67 28.14
CA GLY A 175 -47.88 12.62 26.77
C GLY A 175 -48.95 12.45 25.71
N SER A 176 -50.22 12.51 26.08
CA SER A 176 -51.33 12.29 25.16
C SER A 176 -51.69 13.52 24.31
N PRO A 177 -51.91 14.71 24.91
CA PRO A 177 -52.58 15.80 24.15
C PRO A 177 -51.83 16.29 22.92
N GLY A 178 -50.59 16.73 23.08
CA GLY A 178 -49.92 17.42 21.98
C GLY A 178 -48.56 16.89 21.61
N TRP A 179 -47.98 16.05 22.46
CA TRP A 179 -46.65 15.52 22.17
C TRP A 179 -46.65 14.49 21.05
N VAL A 180 -47.80 13.88 20.75
CA VAL A 180 -47.90 12.96 19.63
C VAL A 180 -47.61 13.68 18.32
N ARG A 181 -48.17 14.88 18.16
CA ARG A 181 -47.91 15.68 16.97
C ARG A 181 -46.44 16.02 16.84
N THR A 182 -45.80 16.41 17.95
CA THR A 182 -44.39 16.75 17.93
C THR A 182 -43.54 15.54 17.56
N ARG A 183 -43.85 14.38 18.13
CA ARG A 183 -43.10 13.16 17.80
C ARG A 183 -43.25 12.80 16.33
N TRP A 184 -44.48 12.87 15.81
CA TRP A 184 -44.69 12.54 14.40
C TRP A 184 -43.97 13.53 13.49
N ALA A 185 -44.01 14.81 13.82
CA ALA A 185 -43.33 15.81 13.02
C ALA A 185 -41.81 15.58 13.03
N LEU A 186 -41.25 15.25 14.20
CA LEU A 186 -39.82 14.99 14.27
C LEU A 186 -39.43 13.74 13.48
N LEU A 187 -40.25 12.69 13.55
CA LEU A 187 -39.96 11.48 12.77
C LEU A 187 -39.99 11.78 11.27
N LEU A 188 -41.02 12.52 10.82
CA LEU A 188 -41.09 12.87 9.41
C LEU A 188 -39.91 13.74 8.99
N LEU A 189 -39.51 14.69 9.85
CA LEU A 189 -38.37 15.53 9.54
C LEU A 189 -37.08 14.71 9.44
N PHE A 190 -36.91 13.74 10.33
CA PHE A 190 -35.74 12.87 10.27
C PHE A 190 -35.72 12.09 8.95
N TRP A 191 -36.86 11.50 8.57
CA TRP A 191 -36.90 10.72 7.34
C TRP A 191 -36.63 11.60 6.12
N LEU A 192 -37.20 12.81 6.10
CA LEU A 192 -36.94 13.72 4.99
C LEU A 192 -35.48 14.13 4.93
N GLY A 193 -34.87 14.39 6.09
CA GLY A 193 -33.45 14.71 6.11
C GLY A 193 -32.59 13.58 5.62
N TRP A 194 -32.92 12.35 6.01
CA TRP A 194 -32.17 11.18 5.53
C TRP A 194 -32.30 11.03 4.02
N LEU A 195 -33.51 11.20 3.48
CA LEU A 195 -33.69 11.09 2.04
C LEU A 195 -32.93 12.18 1.30
N GLY A 196 -32.97 13.42 1.82
CA GLY A 196 -32.19 14.48 1.22
C GLY A 196 -30.69 14.21 1.29
N MET A 197 -30.25 13.59 2.38
CA MET A 197 -28.84 13.20 2.51
C MET A 197 -28.45 12.21 1.42
N LEU A 198 -29.28 11.19 1.21
CA LEU A 198 -28.97 10.21 0.16
C LEU A 198 -29.00 10.85 -1.23
N ALA A 199 -29.98 11.73 -1.46
CA ALA A 199 -30.06 12.41 -2.75
C ALA A 199 -28.82 13.27 -3.00
N GLY A 200 -28.36 13.98 -1.98
CA GLY A 200 -27.12 14.73 -2.13
C GLY A 200 -25.93 13.83 -2.41
N ALA A 201 -25.87 12.69 -1.71
CA ALA A 201 -24.77 11.76 -1.96
C ALA A 201 -24.74 11.36 -3.43
N VAL A 202 -25.90 11.02 -3.97
CA VAL A 202 -25.97 10.66 -5.39
C VAL A 202 -25.58 11.84 -6.26
N VAL A 203 -25.94 13.06 -5.84
CA VAL A 203 -25.65 14.25 -6.64
C VAL A 203 -24.14 14.45 -6.78
N ILE A 204 -23.40 14.42 -5.66
CA ILE A 204 -21.94 14.58 -5.78
C ILE A 204 -21.32 13.36 -6.47
N ILE A 205 -21.87 12.17 -6.26
CA ILE A 205 -21.29 11.00 -6.94
C ILE A 205 -21.40 11.13 -8.45
N VAL A 206 -22.55 11.59 -8.94
CA VAL A 206 -22.76 11.68 -10.40
C VAL A 206 -21.83 12.71 -11.01
N ARG A 207 -21.75 13.90 -10.41
CA ARG A 207 -20.95 15.00 -10.95
C ARG A 207 -19.52 15.02 -10.45
N ALA A 208 -18.99 13.88 -10.04
CA ALA A 208 -17.60 13.89 -9.60
C ALA A 208 -16.67 13.64 -10.79
N PRO A 209 -15.43 14.14 -10.72
CA PRO A 209 -14.46 13.80 -11.77
C PRO A 209 -14.22 12.31 -11.83
N ARG A 210 -14.02 11.80 -13.03
CA ARG A 210 -13.93 10.36 -13.28
C ARG A 210 -12.49 9.91 -13.36
N CYS A 211 -12.26 8.65 -12.96
CA CYS A 211 -10.95 8.05 -13.04
C CYS A 211 -10.45 7.99 -14.48
N ARG A 212 -9.15 8.15 -14.66
CA ARG A 212 -8.53 7.96 -15.97
C ARG A 212 -8.17 6.49 -16.16
N GLU A 213 -8.26 6.05 -17.41
CA GLU A 213 -8.08 4.64 -17.73
C GLU A 213 -6.60 4.28 -17.87
N LEU A 214 -6.27 3.06 -17.44
CA LEU A 214 -4.89 2.58 -17.52
C LEU A 214 -4.51 2.30 -18.98
N PRO A 215 -3.22 2.37 -19.31
CA PRO A 215 -2.79 2.20 -20.70
C PRO A 215 -2.38 0.79 -21.11
N ALA A 216 -2.39 -0.18 -20.19
CA ALA A 216 -2.06 -1.58 -20.49
C ALA A 216 -0.64 -1.67 -21.08
N GLN A 217 0.33 -1.34 -20.24
CA GLN A 217 1.72 -1.29 -20.63
C GLN A 217 2.24 -2.69 -21.02
N LYS A 218 3.23 -2.68 -21.90
CA LYS A 218 3.94 -3.90 -22.30
C LYS A 218 5.06 -4.17 -21.29
N TRP A 219 5.97 -5.09 -21.61
CA TRP A 219 7.04 -5.39 -20.67
C TRP A 219 8.21 -4.42 -20.84
N TRP A 220 8.50 -3.97 -22.05
CA TRP A 220 9.55 -2.98 -22.25
C TRP A 220 9.02 -1.56 -22.09
N HIS A 221 8.30 -1.35 -21.00
CA HIS A 221 7.75 -0.05 -20.65
C HIS A 221 7.95 0.34 -19.19
N THR A 222 8.20 -0.63 -18.32
CA THR A 222 8.22 -0.40 -16.88
C THR A 222 9.63 -0.32 -16.31
N GLY A 223 10.66 -0.26 -17.14
CA GLY A 223 12.01 -0.20 -16.63
C GLY A 223 13.01 -0.12 -17.77
N ALA A 224 14.27 0.00 -17.39
CA ALA A 224 15.36 0.15 -18.34
C ALA A 224 15.74 -1.19 -18.95
N LEU A 225 16.61 -1.12 -19.94
CA LEU A 225 17.25 -2.29 -20.51
C LEU A 225 18.75 -2.21 -20.28
N TYR A 226 19.40 -3.37 -20.31
CA TYR A 226 20.81 -3.49 -19.96
C TYR A 226 21.52 -4.19 -21.13
N ARG A 227 22.39 -3.47 -21.82
CA ARG A 227 23.10 -4.03 -22.96
C ARG A 227 24.39 -4.69 -22.50
N ILE A 228 24.70 -5.86 -23.09
CA ILE A 228 25.91 -6.60 -22.79
C ILE A 228 26.60 -6.85 -24.12
N GLY A 229 27.58 -6.01 -24.46
CA GLY A 229 28.22 -6.13 -25.76
C GLY A 229 28.97 -7.43 -25.93
N ASP A 230 29.75 -7.82 -24.91
CA ASP A 230 30.53 -9.04 -24.97
C ASP A 230 30.59 -9.67 -23.59
N LEU A 231 30.42 -11.00 -23.55
CA LEU A 231 30.45 -11.71 -22.28
C LEU A 231 31.87 -11.92 -21.76
N GLN A 232 32.88 -11.80 -22.62
CA GLN A 232 34.25 -12.00 -22.17
C GLN A 232 34.66 -10.96 -21.13
N ALA A 233 34.33 -9.69 -21.38
CA ALA A 233 34.71 -8.63 -20.47
C ALA A 233 33.76 -8.48 -19.30
N PHE A 234 32.57 -9.08 -19.36
CA PHE A 234 31.62 -8.94 -18.27
C PHE A 234 32.10 -9.68 -17.02
N GLN A 235 32.63 -10.88 -17.17
CA GLN A 235 33.10 -11.69 -16.06
C GLN A 235 34.61 -11.72 -15.91
N GLY A 236 35.34 -11.49 -17.00
CA GLY A 236 36.79 -11.62 -16.99
C GLY A 236 37.22 -12.94 -17.61
N HIS A 237 38.54 -13.12 -17.64
CA HIS A 237 39.11 -14.32 -18.24
C HIS A 237 38.73 -15.57 -17.45
N GLY A 238 38.37 -16.62 -18.17
CA GLY A 238 38.01 -17.89 -17.58
C GLY A 238 36.58 -18.01 -17.11
N ALA A 239 35.77 -16.96 -17.25
CA ALA A 239 34.38 -17.01 -16.79
C ALA A 239 33.42 -16.37 -17.78
N GLY A 240 33.86 -16.02 -18.99
CA GLY A 240 32.99 -15.43 -19.98
C GLY A 240 32.15 -16.47 -20.70
N ASN A 241 31.13 -17.00 -20.02
CA ASN A 241 30.28 -18.03 -20.57
C ASN A 241 28.84 -17.78 -20.15
N LEU A 242 27.91 -18.45 -20.82
CA LEU A 242 26.50 -18.32 -20.49
C LEU A 242 26.23 -18.83 -19.07
N ALA A 243 26.91 -19.91 -18.67
CA ALA A 243 26.78 -20.41 -17.32
C ALA A 243 27.25 -19.38 -16.30
N GLY A 244 28.35 -18.69 -16.61
CA GLY A 244 28.82 -17.63 -15.73
C GLY A 244 27.82 -16.49 -15.63
N LEU A 245 27.22 -16.10 -16.76
CA LEU A 245 26.20 -15.05 -16.74
C LEU A 245 24.98 -15.49 -15.95
N LYS A 246 24.70 -16.80 -15.90
CA LYS A 246 23.57 -17.28 -15.13
C LYS A 246 23.72 -16.95 -13.65
N GLY A 247 24.95 -16.82 -13.17
CA GLY A 247 25.19 -16.46 -11.78
C GLY A 247 25.12 -14.99 -11.47
N ARG A 248 25.08 -14.13 -12.50
CA ARG A 248 25.00 -12.69 -12.30
C ARG A 248 23.57 -12.17 -12.25
N LEU A 249 22.58 -13.06 -12.38
CA LEU A 249 21.19 -12.63 -12.40
C LEU A 249 20.78 -11.98 -11.08
N ASP A 250 21.41 -12.39 -9.98
CA ASP A 250 21.12 -11.74 -8.70
C ASP A 250 21.47 -10.26 -8.74
N TYR A 251 22.69 -9.94 -9.19
CA TYR A 251 23.09 -8.53 -9.30
C TYR A 251 22.25 -7.79 -10.33
N LEU A 252 21.96 -8.44 -11.46
CA LEU A 252 21.19 -7.78 -12.50
C LEU A 252 19.77 -7.46 -12.02
N SER A 253 19.16 -8.35 -11.24
CA SER A 253 17.87 -8.05 -10.64
C SER A 253 18.00 -7.01 -9.53
N SER A 254 19.16 -6.96 -8.87
CA SER A 254 19.40 -5.89 -7.91
C SER A 254 19.39 -4.53 -8.58
N LEU A 255 19.93 -4.44 -9.80
CA LEU A 255 19.81 -3.21 -10.58
C LEU A 255 18.38 -2.94 -11.02
N LYS A 256 17.49 -3.92 -10.91
CA LYS A 256 16.07 -3.77 -11.28
C LYS A 256 15.90 -3.45 -12.76
N VAL A 257 16.65 -4.14 -13.62
CA VAL A 257 16.45 -4.01 -15.05
C VAL A 257 15.25 -4.86 -15.47
N LYS A 258 14.71 -4.55 -16.66
CA LYS A 258 13.58 -5.27 -17.21
C LYS A 258 13.93 -6.01 -18.50
N GLY A 259 15.20 -6.03 -18.87
CA GLY A 259 15.60 -6.74 -20.08
C GLY A 259 17.08 -6.70 -20.35
N LEU A 260 17.59 -7.70 -21.05
CA LEU A 260 19.00 -7.81 -21.37
C LEU A 260 19.16 -7.85 -22.89
N VAL A 261 19.97 -6.95 -23.43
CA VAL A 261 20.34 -7.00 -24.83
C VAL A 261 21.63 -7.81 -24.91
N LEU A 262 21.49 -9.10 -25.21
CA LEU A 262 22.59 -10.06 -25.14
C LEU A 262 23.01 -10.46 -26.54
N GLY A 263 24.31 -10.59 -26.75
CA GLY A 263 24.84 -11.03 -28.01
C GLY A 263 25.75 -10.02 -28.66
N PRO A 264 26.14 -10.25 -29.92
CA PRO A 264 25.83 -11.42 -30.75
C PRO A 264 26.59 -12.67 -30.30
N ILE A 265 26.01 -13.85 -30.47
CA ILE A 265 26.66 -15.11 -30.08
C ILE A 265 26.59 -16.09 -31.23
N HIS A 266 26.05 -15.66 -32.36
CA HIS A 266 25.93 -16.54 -33.52
C HIS A 266 27.29 -16.70 -34.19
N LYS A 267 27.36 -17.63 -35.16
CA LYS A 267 28.63 -18.01 -35.76
C LYS A 267 29.02 -16.99 -36.82
N ASN A 268 30.20 -16.39 -36.65
CA ASN A 268 30.73 -15.44 -37.63
C ASN A 268 32.25 -15.51 -37.54
N GLN A 269 32.87 -16.24 -38.47
CA GLN A 269 34.32 -16.43 -38.40
C GLN A 269 35.06 -15.21 -38.94
N LYS A 270 34.94 -14.97 -40.25
CA LYS A 270 35.42 -13.72 -40.83
C LYS A 270 34.87 -13.50 -42.25
N ASP A 271 34.02 -12.50 -42.42
CA ASP A 271 33.65 -11.95 -43.73
C ASP A 271 33.30 -13.05 -44.74
N ASP A 272 32.50 -14.02 -44.32
CA ASP A 272 32.09 -15.13 -45.19
C ASP A 272 30.58 -15.27 -45.10
N VAL A 273 29.88 -14.96 -46.19
CA VAL A 273 28.43 -14.96 -46.18
C VAL A 273 27.88 -16.37 -46.02
N ALA A 274 28.41 -17.31 -46.81
CA ALA A 274 27.90 -18.68 -46.77
C ALA A 274 28.18 -19.33 -45.41
N GLN A 275 29.37 -19.10 -44.86
CA GLN A 275 29.75 -19.73 -43.60
C GLN A 275 29.01 -19.14 -42.40
N THR A 276 28.67 -17.84 -42.49
CA THR A 276 27.97 -17.16 -41.38
C THR A 276 26.60 -17.80 -41.17
N ASP A 277 26.41 -18.51 -40.05
CA ASP A 277 25.15 -19.16 -39.73
C ASP A 277 24.54 -18.45 -38.52
N LEU A 278 23.32 -17.94 -38.70
CA LEU A 278 22.61 -17.27 -37.61
C LEU A 278 21.75 -18.25 -36.80
N LEU A 279 21.66 -19.50 -37.22
CA LEU A 279 20.81 -20.49 -36.57
C LEU A 279 21.57 -21.42 -35.63
N GLN A 280 22.88 -21.24 -35.48
CA GLN A 280 23.69 -22.13 -34.66
C GLN A 280 24.49 -21.30 -33.66
N ILE A 281 24.60 -21.81 -32.44
CA ILE A 281 25.28 -21.09 -31.37
C ILE A 281 26.77 -21.39 -31.38
N ASP A 282 27.57 -20.35 -31.25
CA ASP A 282 29.02 -20.52 -31.20
C ASP A 282 29.42 -21.29 -29.94
N PRO A 283 30.20 -22.37 -30.06
CA PRO A 283 30.57 -23.14 -28.87
C PRO A 283 31.46 -22.39 -27.90
N ASN A 284 32.15 -21.33 -28.35
CA ASN A 284 33.01 -20.58 -27.44
C ASN A 284 32.22 -19.92 -26.33
N PHE A 285 31.04 -19.39 -26.64
CA PHE A 285 30.19 -18.75 -25.67
C PHE A 285 29.26 -19.72 -24.93
N GLY A 286 29.25 -20.98 -25.34
CA GLY A 286 28.42 -21.99 -24.69
C GLY A 286 27.64 -22.81 -25.70
N SER A 287 26.93 -23.79 -25.16
CA SER A 287 26.07 -24.65 -25.96
C SER A 287 24.62 -24.20 -25.88
N LYS A 288 23.78 -24.82 -26.71
CA LYS A 288 22.36 -24.46 -26.73
C LYS A 288 21.68 -24.81 -25.41
N GLU A 289 22.13 -25.87 -24.74
CA GLU A 289 21.58 -26.21 -23.44
C GLU A 289 21.85 -25.10 -22.42
N ASP A 290 23.04 -24.50 -22.49
CA ASP A 290 23.33 -23.36 -21.62
C ASP A 290 22.39 -22.21 -21.92
N PHE A 291 22.10 -21.96 -23.20
CA PHE A 291 21.15 -20.89 -23.55
C PHE A 291 19.77 -21.19 -22.99
N ASP A 292 19.31 -22.43 -23.10
CA ASP A 292 18.00 -22.78 -22.58
C ASP A 292 17.95 -22.62 -21.06
N SER A 293 19.00 -23.05 -20.36
CA SER A 293 19.04 -22.91 -18.91
C SER A 293 19.05 -21.44 -18.50
N LEU A 294 19.84 -20.62 -19.20
CA LEU A 294 19.88 -19.20 -18.90
C LEU A 294 18.53 -18.55 -19.14
N LEU A 295 17.87 -18.90 -20.25
CA LEU A 295 16.56 -18.34 -20.54
C LEU A 295 15.55 -18.73 -19.47
N GLN A 296 15.57 -19.99 -19.03
CA GLN A 296 14.64 -20.42 -17.99
C GLN A 296 14.91 -19.71 -16.67
N SER A 297 16.18 -19.58 -16.29
CA SER A 297 16.53 -18.90 -15.05
C SER A 297 16.13 -17.43 -15.10
N ALA A 298 16.34 -16.77 -16.25
CA ALA A 298 15.95 -15.38 -16.38
C ALA A 298 14.44 -15.21 -16.36
N LYS A 299 13.71 -16.14 -17.00
CA LYS A 299 12.26 -16.09 -16.98
C LYS A 299 11.72 -16.27 -15.57
N LYS A 300 12.32 -17.17 -14.79
CA LYS A 300 11.90 -17.31 -13.39
C LYS A 300 12.12 -16.03 -12.59
N LYS A 301 13.11 -15.23 -12.97
CA LYS A 301 13.43 -13.98 -12.29
C LYS A 301 12.88 -12.76 -13.01
N SER A 302 12.06 -12.95 -14.04
CA SER A 302 11.43 -11.84 -14.77
C SER A 302 12.45 -10.90 -15.39
N ILE A 303 13.49 -11.46 -15.99
CA ILE A 303 14.51 -10.69 -16.70
C ILE A 303 14.48 -11.18 -18.15
N ARG A 304 13.71 -10.52 -18.99
CA ARG A 304 13.57 -10.93 -20.38
C ARG A 304 14.90 -10.77 -21.12
N VAL A 305 15.15 -11.67 -22.07
CA VAL A 305 16.41 -11.71 -22.78
C VAL A 305 16.16 -11.38 -24.25
N ILE A 306 16.87 -10.38 -24.76
CA ILE A 306 16.79 -9.96 -26.15
C ILE A 306 18.09 -10.34 -26.82
N LEU A 307 17.99 -10.98 -27.98
CA LEU A 307 19.16 -11.50 -28.68
C LEU A 307 19.59 -10.52 -29.77
N ASP A 308 20.86 -10.13 -29.75
CA ASP A 308 21.43 -9.35 -30.83
C ASP A 308 21.62 -10.23 -32.06
N LEU A 309 21.37 -9.66 -33.23
CA LEU A 309 21.44 -10.42 -34.48
C LEU A 309 22.16 -9.61 -35.56
N THR A 310 23.26 -8.99 -35.20
CA THR A 310 24.10 -8.35 -36.21
C THR A 310 24.80 -9.44 -37.02
N PRO A 311 24.61 -9.48 -38.35
CA PRO A 311 25.19 -10.59 -39.12
C PRO A 311 26.70 -10.67 -39.03
N ASN A 312 27.39 -9.54 -38.92
CA ASN A 312 28.85 -9.51 -38.88
C ASN A 312 29.29 -8.55 -37.79
N TYR A 313 29.80 -9.10 -36.69
CA TYR A 313 30.31 -8.27 -35.60
C TYR A 313 31.82 -8.34 -35.45
N ARG A 314 32.48 -9.29 -36.12
CA ARG A 314 33.92 -9.41 -36.09
C ARG A 314 34.59 -8.75 -37.29
N GLY A 315 33.82 -8.09 -38.16
CA GLY A 315 34.36 -7.44 -39.34
C GLY A 315 34.00 -5.96 -39.36
N GLU A 316 34.67 -5.24 -40.27
CA GLU A 316 34.44 -3.80 -40.39
C GLU A 316 33.04 -3.52 -40.93
N ASN A 317 32.53 -4.39 -41.79
CA ASN A 317 31.19 -4.24 -42.35
C ASN A 317 30.23 -5.14 -41.59
N SER A 318 29.17 -4.54 -41.05
CA SER A 318 28.17 -5.26 -40.28
C SER A 318 27.12 -5.93 -41.17
N TRP A 319 27.17 -5.71 -42.48
CA TRP A 319 26.18 -6.30 -43.37
C TRP A 319 26.81 -6.90 -44.63
N PHE A 320 28.13 -7.10 -44.66
CA PHE A 320 28.85 -7.71 -45.77
C PHE A 320 28.84 -6.83 -47.02
N SER A 321 29.86 -6.97 -47.86
CA SER A 321 29.97 -6.16 -49.07
C SER A 321 29.24 -6.77 -50.26
N THR A 322 28.74 -7.99 -50.14
CA THR A 322 28.04 -8.65 -51.22
C THR A 322 26.54 -8.33 -51.15
N GLN A 323 25.74 -9.08 -51.89
CA GLN A 323 24.29 -8.90 -51.86
C GLN A 323 23.74 -9.16 -50.47
N VAL A 324 22.60 -8.54 -50.17
CA VAL A 324 22.04 -8.55 -48.82
C VAL A 324 20.72 -9.29 -48.72
N ASP A 325 20.12 -9.71 -49.84
CA ASP A 325 18.85 -10.43 -49.75
C ASP A 325 19.01 -11.80 -49.09
N THR A 326 20.13 -12.48 -49.35
CA THR A 326 20.42 -13.72 -48.64
C THR A 326 20.63 -13.45 -47.15
N VAL A 327 21.25 -12.32 -46.82
CA VAL A 327 21.39 -11.93 -45.42
C VAL A 327 20.01 -11.70 -44.80
N ALA A 328 19.09 -11.11 -45.56
CA ALA A 328 17.74 -10.90 -45.06
C ALA A 328 17.03 -12.23 -44.83
N THR A 329 17.21 -13.19 -45.74
CA THR A 329 16.61 -14.50 -45.56
C THR A 329 17.18 -15.20 -44.32
N LYS A 330 18.50 -15.10 -44.13
CA LYS A 330 19.12 -15.66 -42.94
C LYS A 330 18.57 -15.00 -41.68
N VAL A 331 18.37 -13.68 -41.73
CA VAL A 331 17.82 -12.98 -40.57
C VAL A 331 16.40 -13.48 -40.27
N LYS A 332 15.58 -13.64 -41.31
CA LYS A 332 14.21 -14.12 -41.10
C LYS A 332 14.21 -15.53 -40.50
N ASP A 333 15.08 -16.41 -41.01
CA ASP A 333 15.18 -17.75 -40.44
C ASP A 333 15.63 -17.69 -38.99
N ALA A 334 16.56 -16.78 -38.68
CA ALA A 334 16.99 -16.62 -37.30
C ALA A 334 15.84 -16.18 -36.41
N LEU A 335 15.03 -15.21 -36.88
CA LEU A 335 13.88 -14.78 -36.09
C LEU A 335 12.95 -15.96 -35.81
N GLU A 336 12.55 -16.69 -36.86
CA GLU A 336 11.61 -17.77 -36.62
C GLU A 336 12.19 -18.80 -35.66
N PHE A 337 13.48 -19.15 -35.83
CA PHE A 337 14.11 -20.13 -34.96
C PHE A 337 14.13 -19.67 -33.52
N TRP A 338 14.47 -18.40 -33.28
CA TRP A 338 14.59 -17.93 -31.91
C TRP A 338 13.26 -17.61 -31.25
N LEU A 339 12.18 -17.39 -32.02
CA LEU A 339 10.87 -17.45 -31.38
C LEU A 339 10.45 -18.89 -31.09
N GLN A 340 10.95 -19.88 -31.84
CA GLN A 340 10.79 -21.25 -31.36
C GLN A 340 11.54 -21.46 -30.06
N ALA A 341 12.75 -20.91 -29.95
CA ALA A 341 13.55 -21.07 -28.75
C ALA A 341 12.93 -20.38 -27.55
N GLY A 342 12.38 -19.18 -27.72
CA GLY A 342 11.73 -18.45 -26.67
C GLY A 342 12.32 -17.11 -26.29
N VAL A 343 13.12 -16.49 -27.16
CA VAL A 343 13.63 -15.15 -26.86
C VAL A 343 12.49 -14.14 -26.93
N ASP A 344 12.69 -13.00 -26.28
CA ASP A 344 11.65 -11.98 -26.14
C ASP A 344 11.95 -10.72 -26.96
N GLY A 345 12.65 -10.88 -28.06
CA GLY A 345 12.92 -9.74 -28.94
C GLY A 345 14.18 -9.96 -29.74
N PHE A 346 14.56 -8.91 -30.46
CA PHE A 346 15.78 -8.92 -31.27
C PHE A 346 16.33 -7.51 -31.37
N GLN A 347 17.60 -7.41 -31.73
CA GLN A 347 18.25 -6.13 -31.96
C GLN A 347 19.17 -6.23 -33.17
N VAL A 348 19.14 -5.19 -34.01
CA VAL A 348 20.05 -5.07 -35.13
C VAL A 348 20.75 -3.72 -35.04
N ARG A 349 22.00 -3.68 -35.47
CA ARG A 349 22.82 -2.48 -35.37
C ARG A 349 23.39 -2.12 -36.73
N ASP A 350 23.87 -0.88 -36.83
CA ASP A 350 24.54 -0.37 -38.03
C ASP A 350 23.64 -0.50 -39.26
N ILE A 351 22.38 -0.08 -39.11
CA ILE A 351 21.45 -0.12 -40.24
C ILE A 351 21.70 0.97 -41.26
N GLU A 352 22.60 1.87 -40.92
CA GLU A 352 22.94 2.87 -41.94
C GLU A 352 23.36 2.11 -43.19
N ASN A 353 24.36 1.23 -43.10
CA ASN A 353 24.92 0.54 -44.26
C ASN A 353 23.89 -0.33 -44.97
N LEU A 354 22.72 -0.54 -44.37
CA LEU A 354 21.66 -1.32 -45.00
C LEU A 354 20.87 -0.45 -45.96
N LYS A 355 20.64 -0.96 -47.16
CA LYS A 355 19.92 -0.24 -48.19
C LYS A 355 18.45 -0.62 -48.17
N ASP A 356 17.58 0.39 -48.32
CA ASP A 356 16.14 0.21 -48.22
C ASP A 356 15.76 -0.43 -46.88
N ALA A 357 16.45 -0.01 -45.82
CA ALA A 357 16.30 -0.67 -44.52
C ALA A 357 14.89 -0.56 -43.98
N SER A 358 14.11 0.41 -44.47
CA SER A 358 12.73 0.56 -43.99
C SER A 358 11.90 -0.67 -44.30
N SER A 359 12.05 -1.21 -45.51
CA SER A 359 11.26 -2.38 -45.91
C SER A 359 11.61 -3.60 -45.05
N PHE A 360 12.90 -3.89 -44.92
CA PHE A 360 13.32 -5.04 -44.11
C PHE A 360 12.91 -4.85 -42.65
N LEU A 361 13.02 -3.63 -42.13
CA LEU A 361 12.60 -3.38 -40.77
C LEU A 361 11.11 -3.61 -40.59
N ALA A 362 10.29 -3.18 -41.56
CA ALA A 362 8.86 -3.41 -41.49
C ALA A 362 8.54 -4.91 -41.52
N GLU A 363 9.19 -5.65 -42.43
CA GLU A 363 8.95 -7.09 -42.50
C GLU A 363 9.37 -7.79 -41.22
N TRP A 364 10.52 -7.42 -40.66
CA TRP A 364 10.99 -8.06 -39.44
C TRP A 364 10.10 -7.72 -38.25
N GLN A 365 9.58 -6.49 -38.21
CA GLN A 365 8.60 -6.17 -37.15
C GLN A 365 7.39 -7.06 -37.39
N ASN A 366 6.89 -7.10 -38.62
CA ASN A 366 5.75 -7.98 -38.99
C ASN A 366 5.97 -9.37 -38.38
N ILE A 367 7.04 -10.04 -38.80
CA ILE A 367 7.32 -11.43 -38.33
C ILE A 367 7.38 -11.47 -36.80
N THR A 368 8.17 -10.59 -36.19
CA THR A 368 8.37 -10.67 -34.75
C THR A 368 7.05 -10.51 -34.00
N LYS A 369 6.22 -9.56 -34.43
CA LYS A 369 4.90 -9.40 -33.82
C LYS A 369 3.92 -10.48 -34.25
N GLY A 370 4.25 -11.28 -35.26
CA GLY A 370 3.36 -12.34 -35.70
C GLY A 370 3.25 -13.50 -34.74
N PHE A 371 4.26 -13.73 -33.90
CA PHE A 371 4.21 -14.81 -32.93
C PHE A 371 3.46 -14.40 -31.66
N SER A 372 3.65 -13.16 -31.23
CA SER A 372 2.94 -12.64 -30.06
C SER A 372 3.05 -11.12 -30.07
N GLU A 373 2.23 -10.49 -29.22
CA GLU A 373 2.25 -9.05 -29.06
C GLU A 373 3.23 -8.61 -27.98
N ASP A 374 3.90 -9.55 -27.32
CA ASP A 374 4.87 -9.25 -26.27
C ASP A 374 6.31 -9.44 -26.74
N ARG A 375 6.57 -9.12 -28.01
CA ARG A 375 7.91 -9.16 -28.57
C ARG A 375 8.21 -7.86 -29.31
N LEU A 376 9.48 -7.47 -29.32
CA LEU A 376 9.88 -6.19 -29.88
C LEU A 376 11.14 -6.36 -30.73
N LEU A 377 11.34 -5.42 -31.65
CA LEU A 377 12.55 -5.34 -32.45
C LEU A 377 13.20 -3.99 -32.21
N ILE A 378 14.51 -3.99 -31.95
CA ILE A 378 15.28 -2.79 -31.68
C ILE A 378 16.25 -2.57 -32.82
N ALA A 379 16.34 -1.35 -33.31
CA ALA A 379 17.28 -0.99 -34.36
C ALA A 379 18.21 0.10 -33.85
N GLY A 380 19.46 0.06 -34.30
CA GLY A 380 20.45 1.05 -33.90
C GLY A 380 21.15 1.65 -35.09
N THR A 381 21.49 2.92 -34.96
CA THR A 381 22.20 3.63 -36.02
C THR A 381 23.00 4.77 -35.39
N ASN A 382 23.92 5.28 -36.21
CA ASN A 382 24.85 6.32 -35.75
C ASN A 382 24.44 7.71 -36.21
N SER A 383 23.26 7.84 -36.81
CA SER A 383 22.83 9.13 -37.33
C SER A 383 22.59 10.11 -36.19
N SER A 384 23.16 11.31 -36.31
CA SER A 384 23.05 12.34 -35.29
C SER A 384 22.15 13.49 -35.72
N ASP A 385 21.42 13.34 -36.81
CA ASP A 385 20.52 14.38 -37.28
C ASP A 385 19.07 13.91 -37.19
N LEU A 386 18.16 14.87 -37.05
CA LEU A 386 16.78 14.56 -36.71
C LEU A 386 16.02 14.00 -37.91
N GLN A 387 16.31 14.51 -39.10
CA GLN A 387 15.48 14.21 -40.27
C GLN A 387 15.60 12.75 -40.70
N GLN A 388 16.79 12.16 -40.55
CA GLN A 388 17.00 10.80 -41.04
C GLN A 388 16.18 9.79 -40.25
N ILE A 389 16.05 10.00 -38.94
CA ILE A 389 15.36 9.02 -38.09
C ILE A 389 13.89 8.92 -38.47
N LEU A 390 13.26 10.05 -38.80
CA LEU A 390 11.86 10.04 -39.21
C LEU A 390 11.66 9.29 -40.52
N SER A 391 12.69 9.22 -41.37
CA SER A 391 12.57 8.40 -42.57
C SER A 391 12.39 6.93 -42.23
N LEU A 392 13.11 6.45 -41.22
CA LEU A 392 12.96 5.05 -40.81
C LEU A 392 11.69 4.83 -40.01
N LEU A 393 11.29 5.81 -39.20
CA LEU A 393 10.10 5.67 -38.36
C LEU A 393 8.82 6.07 -39.07
N GLU A 394 8.88 6.49 -40.34
CA GLU A 394 7.68 6.93 -41.03
C GLU A 394 6.74 5.78 -41.38
N SER A 395 7.25 4.55 -41.43
CA SER A 395 6.42 3.39 -41.73
C SER A 395 6.27 2.44 -40.56
N ASN A 396 7.21 2.41 -39.63
CA ASN A 396 7.14 1.58 -38.43
C ASN A 396 6.85 2.48 -37.23
N LYS A 397 5.88 2.09 -36.42
CA LYS A 397 5.43 2.92 -35.31
C LYS A 397 5.63 2.26 -33.95
N ASP A 398 6.03 0.99 -33.93
CA ASP A 398 6.30 0.27 -32.69
C ASP A 398 7.73 -0.25 -32.69
N LEU A 399 8.65 0.52 -33.24
CA LEU A 399 10.05 0.14 -33.40
C LEU A 399 10.91 1.04 -32.52
N LEU A 400 11.68 0.43 -31.61
CA LEU A 400 12.61 1.18 -30.79
C LEU A 400 13.87 1.46 -31.61
N LEU A 401 14.17 2.73 -31.82
CA LEU A 401 15.31 3.15 -32.64
C LEU A 401 16.27 3.94 -31.75
N THR A 402 17.38 3.30 -31.37
CA THR A 402 18.43 3.97 -30.62
C THR A 402 19.43 4.60 -31.59
N SER A 403 19.83 5.82 -31.30
CA SER A 403 20.72 6.54 -32.19
C SER A 403 21.49 7.59 -31.40
N SER A 404 22.55 8.10 -32.02
CA SER A 404 23.39 9.12 -31.40
C SER A 404 22.76 10.50 -31.56
N TYR A 405 21.50 10.65 -31.17
CA TYR A 405 20.84 11.95 -31.26
C TYR A 405 21.32 12.90 -30.17
N LEU A 406 21.69 12.37 -29.01
CA LEU A 406 22.23 13.16 -27.91
C LEU A 406 23.75 13.02 -27.80
N SER A 407 24.43 12.73 -28.92
CA SER A 407 25.87 12.51 -28.87
C SER A 407 26.61 13.75 -28.43
N ASP A 408 26.34 14.88 -29.07
CA ASP A 408 27.00 16.13 -28.69
C ASP A 408 26.48 16.59 -27.34
N SER A 409 27.39 17.09 -26.49
CA SER A 409 27.03 17.47 -25.14
C SER A 409 26.61 18.93 -25.05
N GLY A 410 27.51 19.85 -25.40
CA GLY A 410 27.20 21.27 -25.35
C GLY A 410 27.30 21.85 -23.96
N SER A 411 27.03 21.02 -22.94
CA SER A 411 27.05 21.43 -21.53
C SER A 411 26.12 22.62 -21.29
N THR A 412 25.01 22.65 -22.02
CA THR A 412 24.03 23.73 -21.91
C THR A 412 22.64 23.13 -21.75
N GLY A 413 21.90 23.61 -20.74
CA GLY A 413 20.57 23.09 -20.52
C GLY A 413 19.60 23.44 -21.63
N GLU A 414 19.69 24.66 -22.16
CA GLU A 414 18.74 25.09 -23.19
C GLU A 414 18.91 24.28 -24.47
N HIS A 415 20.14 23.96 -24.85
CA HIS A 415 20.37 23.18 -26.06
C HIS A 415 19.77 21.77 -25.93
N THR A 416 20.00 21.12 -24.80
CA THR A 416 19.42 19.80 -24.58
C THR A 416 17.89 19.87 -24.53
N LYS A 417 17.36 20.93 -23.91
CA LYS A 417 15.91 21.11 -23.90
C LYS A 417 15.37 21.24 -25.32
N SER A 418 16.05 22.02 -26.16
CA SER A 418 15.62 22.18 -27.55
C SER A 418 15.66 20.85 -28.28
N LEU A 419 16.74 20.09 -28.12
CA LEU A 419 16.84 18.79 -28.78
C LEU A 419 15.70 17.87 -28.35
N VAL A 420 15.50 17.73 -27.04
CA VAL A 420 14.49 16.79 -26.53
C VAL A 420 13.09 17.21 -26.99
N THR A 421 12.78 18.50 -26.84
CA THR A 421 11.45 18.98 -27.20
C THR A 421 11.19 18.86 -28.69
N GLN A 422 12.18 19.20 -29.52
CA GLN A 422 11.99 19.07 -30.97
C GLN A 422 11.81 17.61 -31.38
N TYR A 423 12.60 16.71 -30.79
CA TYR A 423 12.46 15.30 -31.14
C TYR A 423 11.10 14.76 -30.71
N LEU A 424 10.63 15.14 -29.51
CA LEU A 424 9.33 14.67 -29.07
C LEU A 424 8.21 15.23 -29.93
N ASN A 425 8.25 16.53 -30.21
CA ASN A 425 7.17 17.16 -30.98
C ASN A 425 7.14 16.64 -32.41
N ALA A 426 8.31 16.39 -33.00
CA ALA A 426 8.36 15.92 -34.39
C ALA A 426 7.68 14.56 -34.53
N THR A 427 7.88 13.66 -33.58
CA THR A 427 7.26 12.35 -33.61
C THR A 427 5.91 12.33 -32.89
N GLY A 428 5.49 13.43 -32.29
CA GLY A 428 4.24 13.47 -31.56
C GLY A 428 4.41 13.20 -30.08
N ASN A 429 3.92 12.04 -29.63
CA ASN A 429 4.16 11.60 -28.27
C ASN A 429 4.39 10.08 -28.22
N ARG A 430 4.94 9.51 -29.28
CA ARG A 430 5.13 8.08 -29.36
C ARG A 430 6.20 7.63 -28.37
N TRP A 431 6.23 6.32 -28.12
CA TRP A 431 7.24 5.74 -27.25
C TRP A 431 8.62 5.83 -27.90
N CYS A 432 9.62 6.20 -27.11
CA CYS A 432 10.98 6.41 -27.60
C CYS A 432 11.96 5.60 -26.75
N SER A 433 13.23 5.70 -27.12
CA SER A 433 14.33 5.12 -26.36
C SER A 433 15.41 6.16 -26.17
N TRP A 434 15.85 6.35 -24.93
CA TRP A 434 16.78 7.41 -24.57
C TRP A 434 18.16 6.83 -24.33
N SER A 435 19.09 7.12 -25.22
CA SER A 435 20.48 6.70 -25.07
C SER A 435 21.34 7.61 -25.92
N LEU A 436 22.63 7.67 -25.58
CA LEU A 436 23.56 8.51 -26.33
C LEU A 436 24.29 7.75 -27.43
N SER A 437 24.09 6.44 -27.56
CA SER A 437 24.70 5.67 -28.63
C SER A 437 23.96 4.36 -28.75
N GLN A 438 24.44 3.51 -29.67
CA GLN A 438 23.92 2.16 -29.83
C GLN A 438 24.73 1.13 -29.07
N ALA A 439 26.05 1.29 -29.01
CA ALA A 439 26.92 0.32 -28.36
C ALA A 439 28.06 0.99 -27.59
N ARG A 440 27.81 2.17 -27.02
CA ARG A 440 28.85 2.90 -26.31
C ARG A 440 28.35 3.35 -24.95
N LEU A 441 29.30 3.61 -24.06
CA LEU A 441 29.01 4.02 -22.69
C LEU A 441 28.72 5.52 -22.61
N LEU A 442 28.17 5.95 -21.48
CA LEU A 442 27.97 7.38 -21.26
C LEU A 442 29.29 8.11 -21.14
N THR A 443 30.29 7.49 -20.50
CA THR A 443 31.52 8.18 -20.13
C THR A 443 32.38 8.55 -21.32
N SER A 444 32.09 8.03 -22.52
CA SER A 444 32.88 8.40 -23.68
C SER A 444 32.73 9.87 -24.02
N PHE A 445 31.52 10.41 -23.89
CA PHE A 445 31.23 11.79 -24.26
C PHE A 445 31.02 12.72 -23.08
N LEU A 446 31.15 12.22 -21.85
CA LEU A 446 30.84 13.03 -20.67
C LEU A 446 32.02 13.04 -19.72
N PRO A 447 32.20 14.13 -18.96
CA PRO A 447 33.18 14.14 -17.88
C PRO A 447 32.64 13.42 -16.66
N ALA A 448 33.43 13.44 -15.58
CA ALA A 448 33.02 12.74 -14.37
C ALA A 448 31.80 13.38 -13.72
N GLN A 449 31.72 14.71 -13.71
CA GLN A 449 30.69 15.39 -12.95
C GLN A 449 29.32 15.36 -13.63
N LEU A 450 29.26 15.05 -14.91
CA LEU A 450 27.99 15.08 -15.64
C LEU A 450 27.24 13.75 -15.61
N LEU A 451 27.85 12.69 -15.10
CA LEU A 451 27.19 11.38 -15.10
C LEU A 451 26.00 11.36 -14.15
N ARG A 452 26.19 11.87 -12.92
CA ARG A 452 25.12 11.83 -11.92
C ARG A 452 23.92 12.67 -12.34
N LEU A 453 24.08 13.57 -13.30
CA LEU A 453 23.00 14.37 -13.82
C LEU A 453 22.34 13.73 -15.03
N TYR A 454 23.16 13.18 -15.94
CA TYR A 454 22.61 12.52 -17.12
C TYR A 454 21.82 11.28 -16.76
N GLN A 455 22.25 10.55 -15.72
CA GLN A 455 21.47 9.38 -15.30
C GLN A 455 20.08 9.78 -14.81
N LEU A 456 19.99 10.85 -14.03
CA LEU A 456 18.68 11.34 -13.59
C LEU A 456 17.84 11.80 -14.78
N MET A 457 18.46 12.52 -15.72
CA MET A 457 17.70 12.98 -16.88
C MET A 457 17.17 11.80 -17.69
N LEU A 458 18.00 10.77 -17.89
CA LEU A 458 17.55 9.60 -18.63
C LEU A 458 16.45 8.85 -17.90
N PHE A 459 16.56 8.74 -16.58
CA PHE A 459 15.56 8.00 -15.81
C PHE A 459 14.29 8.80 -15.56
N THR A 460 14.26 10.09 -15.89
CA THR A 460 13.07 10.90 -15.67
C THR A 460 12.41 11.38 -16.96
N LEU A 461 12.81 10.83 -18.13
CA LEU A 461 12.23 11.24 -19.39
C LEU A 461 11.25 10.18 -19.90
N PRO A 462 10.25 10.57 -20.69
CA PRO A 462 9.27 9.58 -21.17
C PRO A 462 9.84 8.65 -22.24
N GLY A 463 10.07 7.40 -21.87
CA GLY A 463 10.60 6.44 -22.81
C GLY A 463 11.16 5.23 -22.07
N THR A 464 11.96 4.45 -22.81
CA THR A 464 12.61 3.27 -22.26
C THR A 464 14.12 3.50 -22.25
N PRO A 465 14.71 3.85 -21.10
CA PRO A 465 16.16 4.09 -21.08
C PRO A 465 16.94 2.84 -21.44
N VAL A 466 18.05 3.04 -22.15
CA VAL A 466 18.92 1.95 -22.58
C VAL A 466 20.32 2.25 -22.07
N PHE A 467 20.88 1.32 -21.29
CA PHE A 467 22.20 1.48 -20.69
C PHE A 467 23.09 0.32 -21.09
N SER A 468 24.39 0.59 -21.11
CA SER A 468 25.39 -0.44 -21.36
C SER A 468 25.96 -0.93 -20.04
N TYR A 469 26.66 -2.06 -20.09
CA TYR A 469 27.26 -2.61 -18.89
C TYR A 469 28.42 -1.73 -18.42
N GLY A 470 28.51 -1.53 -17.11
CA GLY A 470 29.47 -0.63 -16.55
C GLY A 470 29.04 0.81 -16.49
N ASP A 471 27.83 1.13 -16.94
CA ASP A 471 27.34 2.49 -16.91
C ASP A 471 26.76 2.89 -15.56
N GLU A 472 26.53 1.92 -14.67
CA GLU A 472 26.02 2.25 -13.35
C GLU A 472 27.14 2.57 -12.36
N ILE A 473 28.36 2.11 -12.63
CA ILE A 473 29.51 2.44 -11.80
C ILE A 473 30.45 3.42 -12.49
N GLY A 474 30.03 3.99 -13.61
CA GLY A 474 30.87 4.94 -14.32
C GLY A 474 32.14 4.34 -14.88
N LEU A 475 32.06 3.13 -15.40
CA LEU A 475 33.24 2.48 -15.96
C LEU A 475 33.74 3.24 -17.18
N ASP A 476 35.06 3.44 -17.26
CA ASP A 476 35.68 4.19 -18.34
C ASP A 476 36.87 3.43 -18.88
N ALA A 477 37.10 3.56 -20.18
CA ALA A 477 38.26 2.98 -20.84
C ALA A 477 39.31 4.01 -21.25
N ALA A 478 38.94 5.30 -21.31
CA ALA A 478 39.88 6.36 -21.65
C ALA A 478 40.68 6.85 -20.46
N ALA A 479 40.32 6.45 -19.23
CA ALA A 479 41.05 6.85 -18.03
C ALA A 479 41.67 5.66 -17.33
N LEU A 480 41.85 4.55 -18.03
CA LEU A 480 42.47 3.37 -17.46
C LEU A 480 43.11 2.54 -18.57
N PRO A 481 44.43 2.63 -18.74
CA PRO A 481 45.08 1.91 -19.84
C PRO A 481 44.93 0.40 -19.71
N GLY A 482 44.91 -0.27 -20.87
CA GLY A 482 44.83 -1.71 -20.92
C GLY A 482 43.46 -2.26 -21.26
N GLN A 483 42.47 -1.41 -21.50
CA GLN A 483 41.12 -1.85 -21.82
C GLN A 483 40.70 -1.25 -23.15
N PRO A 484 40.28 -2.07 -24.11
CA PRO A 484 39.79 -1.51 -25.38
C PRO A 484 38.49 -0.75 -25.19
N MET A 485 38.28 0.26 -26.03
CA MET A 485 37.09 1.09 -25.93
C MET A 485 35.83 0.35 -26.35
N GLU A 486 35.95 -0.73 -27.13
CA GLU A 486 34.79 -1.46 -27.58
C GLU A 486 34.16 -2.30 -26.47
N ALA A 487 34.98 -2.86 -25.58
CA ALA A 487 34.49 -3.73 -24.51
C ALA A 487 35.47 -3.67 -23.34
N PRO A 488 35.35 -2.65 -22.50
CA PRO A 488 36.21 -2.59 -21.31
C PRO A 488 35.87 -3.71 -20.33
N VAL A 489 36.88 -4.13 -19.58
CA VAL A 489 36.70 -5.20 -18.60
C VAL A 489 35.93 -4.66 -17.41
N MET A 490 34.78 -5.27 -17.12
CA MET A 490 34.00 -4.87 -15.96
C MET A 490 34.77 -5.18 -14.68
N LEU A 491 34.70 -4.27 -13.72
CA LEU A 491 35.43 -4.38 -12.47
C LEU A 491 34.45 -4.67 -11.34
N TRP A 492 34.62 -5.83 -10.69
CA TRP A 492 33.83 -6.17 -9.52
C TRP A 492 34.61 -5.97 -8.22
N ASP A 493 35.92 -6.20 -8.23
CA ASP A 493 36.75 -5.99 -7.06
C ASP A 493 38.12 -5.51 -7.54
N GLU A 494 39.09 -5.49 -6.63
CA GLU A 494 40.43 -4.99 -6.96
C GLU A 494 41.24 -5.96 -7.80
N SER A 495 40.82 -7.22 -7.91
CA SER A 495 41.53 -8.22 -8.69
C SER A 495 40.92 -8.43 -10.07
N SER A 496 39.95 -7.60 -10.46
CA SER A 496 39.30 -7.76 -11.75
C SER A 496 40.19 -7.35 -12.91
N PHE A 497 41.26 -6.60 -12.65
CA PHE A 497 42.14 -6.09 -13.70
C PHE A 497 43.57 -6.48 -13.34
N PRO A 498 43.98 -7.73 -13.63
CA PRO A 498 45.32 -8.17 -13.26
C PRO A 498 46.42 -7.82 -14.24
N ASP A 499 46.10 -7.23 -15.40
CA ASP A 499 47.13 -6.89 -16.37
C ASP A 499 48.09 -5.85 -15.81
N ILE A 500 47.57 -4.82 -15.15
CA ILE A 500 48.37 -3.81 -14.49
C ILE A 500 47.99 -3.80 -13.02
N PRO A 501 48.73 -4.52 -12.17
CA PRO A 501 48.37 -4.59 -10.75
C PRO A 501 48.52 -3.25 -10.07
N GLY A 502 47.60 -2.97 -9.13
CA GLY A 502 47.63 -1.74 -8.38
C GLY A 502 47.10 -0.52 -9.10
N ALA A 503 46.58 -0.68 -10.32
CA ALA A 503 46.08 0.44 -11.11
C ALA A 503 44.61 0.73 -10.88
N VAL A 504 43.91 -0.08 -10.09
CA VAL A 504 42.51 0.11 -9.79
C VAL A 504 42.36 0.49 -8.32
N SER A 505 41.28 1.17 -7.99
CA SER A 505 41.01 1.49 -6.56
C SER A 505 39.72 0.81 -6.12
N ALA A 506 39.59 0.44 -4.84
CA ALA A 506 38.32 -0.12 -4.33
C ALA A 506 37.31 1.02 -4.21
N ASN A 507 37.14 1.81 -5.27
CA ASN A 507 36.25 3.00 -5.24
C ASN A 507 35.57 3.03 -6.61
N MET A 508 36.20 2.30 -7.53
CA MET A 508 35.74 2.16 -8.92
C MET A 508 35.44 0.68 -9.18
N THR A 509 35.02 -0.07 -8.18
CA THR A 509 34.54 -1.44 -8.34
C THR A 509 33.15 -1.56 -7.73
N VAL A 510 32.47 -2.65 -8.06
CA VAL A 510 31.15 -2.90 -7.51
C VAL A 510 31.23 -3.17 -6.01
N LYS A 511 32.26 -3.91 -5.58
CA LYS A 511 32.41 -4.23 -4.17
C LYS A 511 32.57 -2.98 -3.32
N GLY A 512 33.33 -2.01 -3.80
CA GLY A 512 33.58 -0.80 -3.06
C GLY A 512 32.54 0.29 -3.20
N GLN A 513 31.48 0.05 -3.97
CA GLN A 513 30.41 1.02 -4.14
C GLN A 513 29.05 0.51 -3.67
N SER A 514 28.94 -0.77 -3.31
CA SER A 514 27.71 -1.28 -2.73
C SER A 514 27.56 -0.91 -1.26
N GLU A 515 28.62 -0.41 -0.63
CA GLU A 515 28.59 0.00 0.77
C GLU A 515 28.61 1.51 0.95
N ASP A 516 28.70 2.28 -0.13
CA ASP A 516 28.77 3.73 -0.04
C ASP A 516 27.45 4.33 -0.48
N PRO A 517 26.65 4.90 0.42
CA PRO A 517 25.42 5.58 0.00
C PRO A 517 25.67 6.70 -1.01
N GLY A 518 26.80 7.38 -0.93
CA GLY A 518 27.11 8.46 -1.86
C GLY A 518 27.66 8.04 -3.20
N SER A 519 27.80 6.74 -3.45
CA SER A 519 28.33 6.28 -4.71
C SER A 519 27.28 6.40 -5.82
N LEU A 520 27.76 6.29 -7.06
CA LEU A 520 26.86 6.38 -8.22
C LEU A 520 25.90 5.20 -8.29
N LEU A 521 26.36 4.02 -7.85
CA LEU A 521 25.51 2.83 -7.92
C LEU A 521 24.28 2.99 -7.05
N SER A 522 24.41 3.65 -5.90
CA SER A 522 23.25 3.89 -5.04
C SER A 522 22.23 4.77 -5.73
N LEU A 523 22.68 5.83 -6.41
CA LEU A 523 21.76 6.67 -7.17
C LEU A 523 21.10 5.90 -8.29
N PHE A 524 21.86 5.06 -8.98
CA PHE A 524 21.31 4.23 -10.05
C PHE A 524 20.20 3.33 -9.50
N ARG A 525 20.47 2.65 -8.38
CA ARG A 525 19.48 1.74 -7.81
C ARG A 525 18.25 2.48 -7.33
N ARG A 526 18.42 3.62 -6.67
CA ARG A 526 17.27 4.39 -6.19
C ARG A 526 16.42 4.88 -7.35
N LEU A 527 17.05 5.39 -8.39
CA LEU A 527 16.29 5.88 -9.55
C LEU A 527 15.58 4.73 -10.26
N SER A 528 16.24 3.58 -10.39
CA SER A 528 15.60 2.43 -11.03
C SER A 528 14.39 1.98 -10.23
N ASP A 529 14.52 1.91 -8.90
CA ASP A 529 13.39 1.52 -8.06
C ASP A 529 12.25 2.51 -8.21
N GLN A 530 12.55 3.81 -8.20
CA GLN A 530 11.50 4.82 -8.32
C GLN A 530 10.83 4.75 -9.69
N ARG A 531 11.60 4.50 -10.74
CA ARG A 531 11.04 4.42 -12.08
C ARG A 531 10.17 3.19 -12.25
N SER A 532 10.52 2.10 -11.60
CA SER A 532 9.84 0.82 -11.81
C SER A 532 8.55 0.67 -11.01
N LYS A 533 8.21 1.63 -10.16
CA LYS A 533 7.00 1.50 -9.34
C LYS A 533 6.03 2.65 -9.48
N GLU A 534 6.50 3.88 -9.61
CA GLU A 534 5.62 5.04 -9.60
C GLU A 534 4.90 5.19 -10.92
N ARG A 535 3.58 5.43 -10.84
CA ARG A 535 2.76 5.49 -12.05
C ARG A 535 3.12 6.68 -12.93
N SER A 536 3.41 7.84 -12.32
CA SER A 536 3.74 9.02 -13.09
C SER A 536 5.01 8.82 -13.91
N LEU A 537 6.04 8.22 -13.30
CA LEU A 537 7.25 7.92 -14.06
C LEU A 537 7.01 6.81 -15.07
N LEU A 538 6.08 5.91 -14.80
CA LEU A 538 5.81 4.81 -15.72
C LEU A 538 5.17 5.31 -17.01
N HIS A 539 4.01 5.97 -16.90
CA HIS A 539 3.34 6.44 -18.10
C HIS A 539 2.69 7.81 -17.93
N GLY A 540 3.23 8.65 -17.06
CA GLY A 540 2.66 9.97 -16.87
C GLY A 540 3.00 10.91 -18.02
N ASP A 541 2.15 11.93 -18.16
CA ASP A 541 2.39 12.96 -19.16
C ASP A 541 3.57 13.83 -18.77
N PHE A 542 4.35 14.22 -19.76
CA PHE A 542 5.57 15.00 -19.58
C PHE A 542 5.34 16.39 -20.16
N HIS A 543 5.55 17.43 -19.35
CA HIS A 543 5.35 18.81 -19.78
C HIS A 543 6.53 19.65 -19.32
N ALA A 544 7.15 20.37 -20.26
CA ALA A 544 8.29 21.21 -19.97
C ALA A 544 7.90 22.67 -20.03
N PHE A 545 8.38 23.45 -19.05
CA PHE A 545 8.07 24.87 -19.00
C PHE A 545 9.33 25.72 -19.08
N SER A 546 9.19 27.03 -18.91
CA SER A 546 10.32 27.94 -19.04
C SER A 546 11.34 27.67 -17.94
N ALA A 547 12.61 27.66 -18.32
CA ALA A 547 13.71 27.41 -17.40
C ALA A 547 14.56 28.67 -17.25
N GLY A 548 15.66 28.52 -16.51
CA GLY A 548 16.56 29.62 -16.26
C GLY A 548 17.57 29.81 -17.38
N PRO A 549 18.68 30.50 -17.07
CA PRO A 549 19.71 30.71 -18.11
C PRO A 549 20.27 29.42 -18.68
N GLY A 550 20.43 28.39 -17.85
CA GLY A 550 20.98 27.13 -18.31
C GLY A 550 20.30 25.93 -17.69
N LEU A 551 19.04 26.09 -17.30
CA LEU A 551 18.31 25.03 -16.61
C LEU A 551 17.44 24.24 -17.59
N PHE A 552 16.96 23.10 -17.10
CA PHE A 552 16.03 22.25 -17.84
C PHE A 552 15.09 21.63 -16.82
N SER A 553 13.82 22.04 -16.85
CA SER A 553 12.86 21.63 -15.85
C SER A 553 11.63 21.05 -16.51
N TYR A 554 11.06 20.02 -15.91
CA TYR A 554 9.86 19.41 -16.47
C TYR A 554 9.05 18.73 -15.37
N ILE A 555 7.78 18.46 -15.70
CA ILE A 555 6.79 17.90 -14.79
C ILE A 555 6.28 16.60 -15.38
N ARG A 556 6.23 15.56 -14.55
CA ARG A 556 5.59 14.30 -14.90
C ARG A 556 4.33 14.17 -14.05
N HIS A 557 3.18 14.03 -14.71
CA HIS A 557 1.90 13.98 -14.00
C HIS A 557 0.95 13.04 -14.70
N TRP A 558 0.31 12.16 -13.93
CA TRP A 558 -0.71 11.25 -14.44
C TRP A 558 -1.89 11.19 -13.48
N ASP A 559 -3.06 11.57 -13.97
CA ASP A 559 -4.31 11.47 -13.23
C ASP A 559 -4.20 12.07 -11.83
N GLN A 560 -4.51 11.28 -10.81
CA GLN A 560 -4.50 11.74 -9.43
C GLN A 560 -3.25 11.33 -8.67
N ASN A 561 -2.30 10.67 -9.32
CA ASN A 561 -1.13 10.14 -8.63
C ASN A 561 -0.17 11.28 -8.27
N GLU A 562 0.95 10.91 -7.66
CA GLU A 562 1.92 11.89 -7.18
C GLU A 562 2.61 12.58 -8.35
N ARG A 563 2.62 13.90 -8.35
CA ARG A 563 3.29 14.64 -9.42
C ARG A 563 4.77 14.77 -9.12
N PHE A 564 5.59 14.72 -10.17
CA PHE A 564 7.04 14.79 -10.04
C PHE A 564 7.57 16.00 -10.80
N LEU A 565 8.54 16.68 -10.20
CA LEU A 565 9.22 17.81 -10.82
C LEU A 565 10.71 17.51 -10.89
N VAL A 566 11.32 17.79 -12.05
CA VAL A 566 12.74 17.56 -12.25
C VAL A 566 13.37 18.86 -12.72
N VAL A 567 14.44 19.28 -12.03
CA VAL A 567 15.20 20.46 -12.39
C VAL A 567 16.64 20.04 -12.60
N LEU A 568 17.23 20.42 -13.73
CA LEU A 568 18.60 20.03 -14.05
C LEU A 568 19.40 21.26 -14.44
N ASN A 569 20.63 21.33 -13.93
CA ASN A 569 21.55 22.44 -14.21
C ASN A 569 22.78 21.87 -14.92
N PHE A 570 22.86 22.09 -16.22
CA PHE A 570 24.01 21.65 -17.00
C PHE A 570 25.16 22.66 -16.97
N GLY A 571 24.95 23.83 -16.40
CA GLY A 571 26.01 24.83 -16.35
C GLY A 571 26.99 24.59 -15.21
N ASP A 572 28.06 25.38 -15.24
CA ASP A 572 29.11 25.30 -14.23
C ASP A 572 29.12 26.50 -13.29
N VAL A 573 28.07 27.31 -13.32
CA VAL A 573 27.96 28.50 -12.47
C VAL A 573 26.62 28.45 -11.73
N GLY A 574 26.66 28.72 -10.44
CA GLY A 574 25.46 28.72 -9.62
C GLY A 574 24.40 29.68 -10.09
N LEU A 575 23.16 29.20 -10.21
CA LEU A 575 22.04 29.99 -10.70
C LEU A 575 20.86 29.85 -9.74
N SER A 576 19.75 30.48 -10.09
CA SER A 576 18.51 30.41 -9.32
C SER A 576 17.44 29.67 -10.11
N ALA A 577 16.34 29.36 -9.43
CA ALA A 577 15.28 28.56 -10.04
C ALA A 577 14.66 29.30 -11.22
N GLY A 578 14.00 30.43 -10.97
CA GLY A 578 13.35 31.18 -12.02
C GLY A 578 12.25 30.41 -12.72
N LEU A 579 11.36 29.78 -11.95
CA LEU A 579 10.27 28.99 -12.49
C LEU A 579 9.15 29.92 -12.95
N GLN A 580 8.70 29.75 -14.19
CA GLN A 580 7.64 30.55 -14.78
C GLN A 580 6.41 29.67 -14.98
N ALA A 581 5.25 30.17 -14.54
CA ALA A 581 3.99 29.46 -14.70
C ALA A 581 3.35 29.75 -16.06
N SER A 582 2.08 29.40 -16.21
CA SER A 582 1.31 29.65 -17.43
C SER A 582 1.85 28.84 -18.62
N ASP A 583 2.40 27.66 -18.33
CA ASP A 583 2.81 26.74 -19.38
C ASP A 583 2.36 25.31 -19.09
N LEU A 584 1.51 25.11 -18.09
CA LEU A 584 1.04 23.80 -17.66
C LEU A 584 -0.47 23.81 -17.60
N PRO A 585 -1.11 22.64 -17.73
CA PRO A 585 -2.56 22.57 -17.56
C PRO A 585 -2.97 22.91 -16.13
N ALA A 586 -4.26 23.20 -15.96
CA ALA A 586 -4.79 23.59 -14.67
C ALA A 586 -4.71 22.48 -13.63
N SER A 587 -4.53 21.23 -14.05
CA SER A 587 -4.44 20.10 -13.13
C SER A 587 -3.02 19.79 -12.71
N ALA A 588 -2.04 20.60 -13.13
CA ALA A 588 -0.64 20.35 -12.80
C ALA A 588 0.08 21.63 -12.40
N SER A 589 -0.63 22.58 -11.79
CA SER A 589 -0.01 23.82 -11.36
C SER A 589 0.99 23.56 -10.24
N LEU A 590 2.14 24.23 -10.32
CA LEU A 590 3.19 24.03 -9.33
C LEU A 590 2.76 24.60 -7.98
N PRO A 591 2.95 23.88 -6.89
CA PRO A 591 2.64 24.43 -5.57
C PRO A 591 3.75 25.34 -5.08
N ALA A 592 3.43 26.10 -4.02
CA ALA A 592 4.41 27.02 -3.45
C ALA A 592 5.58 26.26 -2.83
N LYS A 593 5.30 25.15 -2.16
CA LYS A 593 6.33 24.34 -1.52
C LYS A 593 6.16 22.88 -1.93
N ALA A 594 7.28 22.21 -2.21
CA ALA A 594 7.25 20.84 -2.68
C ALA A 594 8.28 20.01 -1.93
N ASP A 595 7.94 18.76 -1.66
CA ASP A 595 8.86 17.85 -0.99
C ASP A 595 10.04 17.53 -1.91
N LEU A 596 11.23 17.43 -1.32
CA LEU A 596 12.44 17.14 -2.07
C LEU A 596 12.78 15.67 -1.94
N LEU A 597 12.79 14.96 -3.07
CA LEU A 597 13.23 13.56 -3.06
C LEU A 597 14.74 13.44 -3.00
N LEU A 598 15.43 13.95 -4.01
CA LEU A 598 16.87 13.71 -4.05
C LEU A 598 17.59 14.79 -4.85
N SER A 599 18.90 14.84 -4.63
CA SER A 599 19.81 15.70 -5.38
C SER A 599 21.03 14.88 -5.76
N THR A 600 21.72 15.31 -6.81
CA THR A 600 22.83 14.55 -7.36
C THR A 600 24.12 14.68 -6.55
N GLN A 601 24.15 15.54 -5.54
CA GLN A 601 25.35 15.71 -4.74
C GLN A 601 24.99 15.68 -3.26
N PRO A 602 25.93 15.25 -2.41
CA PRO A 602 25.67 15.29 -0.97
C PRO A 602 25.63 16.73 -0.46
N GLY A 603 24.89 16.92 0.63
CA GLY A 603 24.77 18.24 1.24
C GLY A 603 23.36 18.79 1.18
N ARG A 604 22.40 17.95 0.78
CA ARG A 604 21.01 18.33 0.69
C ARG A 604 20.18 17.46 1.62
N GLU A 605 19.24 18.09 2.32
CA GLU A 605 18.37 17.38 3.25
C GLU A 605 17.19 16.78 2.50
N GLU A 606 17.00 15.47 2.66
CA GLU A 606 15.94 14.76 1.95
C GLU A 606 14.67 14.74 2.79
N GLY A 607 13.52 14.87 2.12
CA GLY A 607 12.24 14.91 2.79
C GLY A 607 11.84 16.26 3.33
N SER A 608 12.69 17.27 3.18
CA SER A 608 12.37 18.61 3.65
C SER A 608 11.63 19.38 2.56
N PRO A 609 10.47 19.98 2.84
CA PRO A 609 9.78 20.75 1.80
C PRO A 609 10.50 22.02 1.42
N LEU A 610 10.97 22.09 0.18
CA LEU A 610 11.67 23.25 -0.35
C LEU A 610 10.72 24.16 -1.11
N GLU A 611 11.02 25.45 -1.07
CA GLU A 611 10.27 26.45 -1.83
C GLU A 611 10.65 26.38 -3.30
N LEU A 612 9.74 26.88 -4.15
CA LEU A 612 9.94 26.90 -5.59
C LEU A 612 10.07 28.32 -6.14
N GLU A 613 10.29 29.30 -5.27
CA GLU A 613 10.44 30.68 -5.68
C GLU A 613 11.78 31.30 -5.30
N ARG A 614 12.53 30.68 -4.39
CA ARG A 614 13.85 31.16 -4.03
C ARG A 614 14.91 30.07 -4.11
N LEU A 615 14.59 28.93 -4.72
CA LEU A 615 15.52 27.82 -4.79
C LEU A 615 16.73 28.18 -5.64
N LYS A 616 17.92 27.84 -5.15
CA LYS A 616 19.17 28.14 -5.83
C LYS A 616 19.84 26.85 -6.28
N LEU A 617 20.50 26.92 -7.44
CA LEU A 617 21.12 25.75 -8.06
C LEU A 617 22.63 25.83 -7.90
N GLU A 618 23.21 24.77 -7.33
CA GLU A 618 24.64 24.58 -7.33
C GLU A 618 25.09 24.12 -8.72
N PRO A 619 26.28 24.50 -9.16
CA PRO A 619 26.77 24.05 -10.47
C PRO A 619 26.81 22.53 -10.56
N HIS A 620 26.33 22.01 -11.70
CA HIS A 620 26.25 20.58 -11.97
C HIS A 620 25.46 19.86 -10.87
N GLU A 621 24.21 20.29 -10.69
CA GLU A 621 23.32 19.69 -9.71
C GLU A 621 21.94 19.49 -10.32
N GLY A 622 21.33 18.37 -9.99
CA GLY A 622 19.95 18.12 -10.39
C GLY A 622 19.09 17.75 -9.19
N LEU A 623 17.87 18.27 -9.18
CA LEU A 623 16.93 18.05 -8.10
C LEU A 623 15.71 17.31 -8.62
N LEU A 624 15.32 16.24 -7.91
CA LEU A 624 14.08 15.52 -8.15
C LEU A 624 13.18 15.76 -6.94
N LEU A 625 11.98 16.30 -7.18
CA LEU A 625 11.04 16.67 -6.14
C LEU A 625 9.69 16.03 -6.41
N ARG A 626 8.91 15.84 -5.35
CA ARG A 626 7.56 15.31 -5.44
C ARG A 626 6.56 16.32 -4.89
N PHE A 627 5.30 16.17 -5.31
CA PHE A 627 4.20 16.84 -4.64
C PHE A 627 2.90 16.13 -5.01
N PRO A 628 2.08 15.75 -4.03
CA PRO A 628 0.80 15.09 -4.34
C PRO A 628 -0.14 15.96 -5.15
N TYR A 629 -1.28 15.39 -5.54
CA TYR A 629 -2.26 16.14 -6.30
C TYR A 629 -2.74 17.36 -5.51
N ALA A 630 -2.79 18.50 -6.17
CA ALA A 630 -3.22 19.74 -5.53
C ALA A 630 -4.20 20.50 -6.41
N LEU B 42 -20.60 -24.94 25.56
CA LEU B 42 -19.67 -25.38 24.53
C LEU B 42 -19.97 -24.71 23.20
N LEU B 43 -20.61 -25.44 22.29
CA LEU B 43 -20.96 -24.89 20.99
C LEU B 43 -22.00 -23.78 21.09
N SER B 44 -22.73 -23.72 22.20
CA SER B 44 -23.71 -22.67 22.41
C SER B 44 -23.05 -21.30 22.48
N ALA B 45 -21.92 -21.21 23.18
CA ALA B 45 -21.21 -19.95 23.34
C ALA B 45 -20.05 -19.79 22.34
N CYS B 46 -19.53 -20.89 21.80
CA CYS B 46 -18.47 -20.79 20.80
C CYS B 46 -18.95 -19.99 19.59
N THR B 47 -20.22 -20.16 19.23
CA THR B 47 -20.81 -19.41 18.13
C THR B 47 -20.74 -17.91 18.40
N ILE B 48 -21.10 -17.50 19.62
CA ILE B 48 -21.07 -16.07 19.94
C ILE B 48 -19.64 -15.56 19.99
N ILE B 49 -18.70 -16.39 20.48
CA ILE B 49 -17.31 -15.96 20.54
C ILE B 49 -16.76 -15.72 19.13
N ILE B 50 -17.06 -16.63 18.20
CA ILE B 50 -16.68 -16.42 16.81
C ILE B 50 -17.40 -15.24 16.19
N GLY B 51 -18.67 -15.02 16.54
CA GLY B 51 -19.43 -13.94 15.96
C GLY B 51 -18.98 -12.55 16.35
N ASN B 52 -18.68 -12.32 17.63
CA ASN B 52 -18.31 -10.98 18.05
C ASN B 52 -16.91 -10.57 17.62
N ILE B 53 -15.99 -11.52 17.47
CA ILE B 53 -14.63 -11.18 17.08
C ILE B 53 -14.59 -10.75 15.62
N ILE B 54 -15.28 -11.48 14.75
CA ILE B 54 -15.21 -11.24 13.30
C ILE B 54 -16.18 -10.12 12.95
N GLY B 55 -15.65 -8.92 12.72
CA GLY B 55 -16.45 -7.82 12.25
C GLY B 55 -16.04 -7.39 10.86
N SER B 56 -15.31 -6.28 10.78
CA SER B 56 -14.79 -5.80 9.50
C SER B 56 -13.29 -5.53 9.54
N GLY B 57 -12.62 -5.81 10.66
CA GLY B 57 -11.20 -5.51 10.75
C GLY B 57 -10.37 -6.25 9.73
N ILE B 58 -10.76 -7.48 9.41
CA ILE B 58 -10.03 -8.26 8.42
C ILE B 58 -10.14 -7.64 7.03
N PHE B 59 -11.11 -6.76 6.81
CA PHE B 59 -11.23 -6.03 5.56
C PHE B 59 -10.57 -4.65 5.62
N ILE B 60 -9.93 -4.30 6.72
CA ILE B 60 -9.25 -3.02 6.88
C ILE B 60 -7.78 -3.22 7.24
N SER B 61 -7.50 -4.10 8.20
CA SER B 61 -6.15 -4.26 8.72
C SER B 61 -5.09 -4.65 7.71
N PRO B 62 -5.33 -5.58 6.75
CA PRO B 62 -4.22 -6.04 5.91
C PRO B 62 -3.42 -4.94 5.23
N LYS B 63 -4.08 -3.88 4.76
CA LYS B 63 -3.34 -2.76 4.18
C LYS B 63 -2.54 -2.02 5.25
N GLY B 64 -3.13 -1.82 6.43
CA GLY B 64 -2.43 -1.09 7.48
C GLY B 64 -1.26 -1.86 8.06
N VAL B 65 -1.42 -3.17 8.26
CA VAL B 65 -0.35 -3.97 8.86
C VAL B 65 0.83 -4.09 7.90
N LEU B 66 0.55 -4.45 6.64
CA LEU B 66 1.62 -4.72 5.68
C LEU B 66 2.50 -3.49 5.48
N GLU B 67 1.88 -2.32 5.32
CA GLU B 67 2.64 -1.08 5.16
C GLU B 67 3.64 -0.89 6.28
N HIS B 68 3.29 -1.32 7.51
CA HIS B 68 4.21 -1.21 8.62
C HIS B 68 5.05 -2.46 8.81
N SER B 69 4.61 -3.61 8.31
CA SER B 69 5.40 -4.82 8.49
C SER B 69 6.63 -4.83 7.58
N GLY B 70 6.46 -4.43 6.32
CA GLY B 70 7.54 -4.38 5.37
C GLY B 70 7.79 -5.66 4.62
N SER B 71 7.11 -6.75 4.95
CA SER B 71 7.29 -8.01 4.26
C SER B 71 6.08 -8.90 4.54
N VAL B 72 5.91 -9.92 3.70
CA VAL B 72 4.80 -10.86 3.88
C VAL B 72 5.00 -11.66 5.17
N GLY B 73 6.23 -12.14 5.40
CA GLY B 73 6.47 -12.97 6.58
C GLY B 73 6.24 -12.22 7.88
N LEU B 74 6.71 -10.98 7.96
CA LEU B 74 6.54 -10.21 9.19
C LEU B 74 5.07 -9.95 9.47
N ALA B 75 4.28 -9.63 8.44
CA ALA B 75 2.85 -9.41 8.64
C ALA B 75 2.15 -10.69 9.07
N LEU B 76 2.49 -11.81 8.42
CA LEU B 76 1.84 -13.07 8.75
C LEU B 76 2.30 -13.58 10.10
N PHE B 77 3.39 -13.03 10.62
CA PHE B 77 3.80 -13.30 12.00
C PHE B 77 3.10 -12.39 13.00
N VAL B 78 2.88 -11.13 12.64
CA VAL B 78 2.17 -10.18 13.50
C VAL B 78 0.75 -10.67 13.73
N TRP B 79 0.13 -11.25 12.69
CA TRP B 79 -1.20 -11.82 12.84
C TRP B 79 -1.25 -12.93 13.87
N VAL B 80 -0.34 -13.90 13.80
CA VAL B 80 -0.31 -14.96 14.79
C VAL B 80 0.05 -14.45 16.17
N LEU B 81 0.86 -13.39 16.26
CA LEU B 81 1.19 -12.80 17.56
C LEU B 81 -0.08 -12.29 18.24
N GLY B 82 -0.90 -11.56 17.50
CA GLY B 82 -2.17 -11.11 18.01
C GLY B 82 -3.07 -12.27 18.38
N GLY B 83 -3.00 -13.34 17.58
CA GLY B 83 -3.80 -14.51 17.85
C GLY B 83 -3.44 -15.25 19.12
N GLY B 84 -2.32 -14.89 19.75
CA GLY B 84 -1.93 -15.48 21.01
C GLY B 84 -2.05 -14.50 22.17
N VAL B 85 -1.77 -13.24 21.90
CA VAL B 85 -2.02 -12.19 22.90
C VAL B 85 -3.50 -12.08 23.23
N THR B 86 -4.38 -12.28 22.25
CA THR B 86 -5.81 -12.35 22.53
C THR B 86 -6.14 -13.55 23.42
N ALA B 87 -5.53 -14.71 23.15
CA ALA B 87 -5.83 -15.92 23.93
C ALA B 87 -5.44 -15.76 25.39
N LEU B 88 -4.26 -15.18 25.63
CA LEU B 88 -3.82 -14.99 27.02
C LEU B 88 -4.78 -14.08 27.78
N GLY B 89 -5.14 -12.95 27.17
CA GLY B 89 -6.07 -12.04 27.81
C GLY B 89 -7.44 -12.67 28.02
N SER B 90 -7.89 -13.48 27.06
CA SER B 90 -9.18 -14.14 27.20
C SER B 90 -9.17 -15.13 28.35
N LEU B 91 -8.08 -15.87 28.52
CA LEU B 91 -7.98 -16.80 29.65
C LEU B 91 -8.02 -16.04 30.97
N CYS B 92 -7.27 -14.94 31.07
CA CYS B 92 -7.26 -14.18 32.32
C CYS B 92 -8.64 -13.58 32.59
N TYR B 93 -9.32 -13.09 31.54
CA TYR B 93 -10.66 -12.54 31.71
C TYR B 93 -11.64 -13.61 32.17
N ALA B 94 -11.50 -14.83 31.64
CA ALA B 94 -12.36 -15.93 32.09
C ALA B 94 -12.13 -16.22 33.56
N GLU B 95 -10.86 -16.19 34.00
CA GLU B 95 -10.57 -16.40 35.42
C GLU B 95 -11.23 -15.32 36.27
N LEU B 96 -11.12 -14.05 35.84
CA LEU B 96 -11.75 -12.97 36.58
C LEU B 96 -13.28 -13.14 36.61
N GLY B 97 -13.87 -13.51 35.49
CA GLY B 97 -15.31 -13.64 35.42
C GLY B 97 -15.85 -14.75 36.30
N VAL B 98 -15.16 -15.89 36.35
CA VAL B 98 -15.58 -16.95 37.26
C VAL B 98 -15.23 -16.62 38.70
N ALA B 99 -14.30 -15.69 38.94
CA ALA B 99 -14.00 -15.30 40.31
C ALA B 99 -15.09 -14.41 40.88
N ILE B 100 -15.61 -13.47 40.09
CA ILE B 100 -16.66 -12.56 40.52
C ILE B 100 -17.91 -12.80 39.68
N PRO B 101 -19.00 -13.31 40.27
CA PRO B 101 -20.19 -13.62 39.47
C PRO B 101 -20.94 -12.41 38.96
N LYS B 102 -20.54 -11.20 39.34
CA LYS B 102 -21.21 -10.00 38.85
C LYS B 102 -20.99 -9.83 37.36
N SER B 103 -22.02 -9.36 36.67
CA SER B 103 -21.98 -9.15 35.23
C SER B 103 -21.74 -7.67 34.92
N GLY B 104 -21.10 -7.42 33.78
CA GLY B 104 -20.77 -6.07 33.37
C GLY B 104 -19.40 -6.00 32.71
N GLY B 105 -18.63 -7.07 32.88
CA GLY B 105 -17.31 -7.11 32.25
C GLY B 105 -16.34 -6.14 32.91
N ASP B 106 -15.62 -5.40 32.07
CA ASP B 106 -14.58 -4.50 32.55
C ASP B 106 -15.12 -3.54 33.61
N TYR B 107 -16.32 -3.01 33.39
CA TYR B 107 -16.90 -2.06 34.34
C TYR B 107 -17.19 -2.74 35.68
N ALA B 108 -17.67 -3.98 35.65
CA ALA B 108 -18.06 -4.65 36.89
C ALA B 108 -16.85 -5.11 37.70
N TYR B 109 -15.84 -5.66 37.04
CA TYR B 109 -14.69 -6.21 37.75
C TYR B 109 -13.86 -5.11 38.41
N VAL B 110 -13.51 -4.08 37.63
CA VAL B 110 -12.63 -3.04 38.14
C VAL B 110 -13.26 -2.33 39.33
N THR B 111 -14.55 -1.98 39.22
CA THR B 111 -15.26 -1.37 40.34
C THR B 111 -15.19 -2.25 41.57
N GLU B 112 -15.19 -3.57 41.41
CA GLU B 112 -15.08 -4.46 42.56
C GLU B 112 -13.68 -4.41 43.16
N ILE B 113 -12.65 -4.26 42.34
CA ILE B 113 -11.27 -4.38 42.79
C ILE B 113 -10.67 -3.02 43.16
N PHE B 114 -10.74 -2.05 42.25
CA PHE B 114 -10.10 -0.76 42.46
C PHE B 114 -10.99 0.24 43.19
N GLY B 115 -12.27 0.30 42.88
CA GLY B 115 -13.18 1.23 43.50
C GLY B 115 -14.04 1.95 42.47
N GLY B 116 -14.76 2.96 42.97
CA GLY B 116 -15.67 3.69 42.10
C GLY B 116 -14.96 4.52 41.05
N LEU B 117 -13.84 5.14 41.40
CA LEU B 117 -13.18 6.07 40.48
C LEU B 117 -12.66 5.36 39.24
N ALA B 118 -11.96 4.23 39.43
CA ALA B 118 -11.42 3.52 38.27
C ALA B 118 -12.55 2.97 37.40
N GLY B 119 -13.60 2.45 38.01
CA GLY B 119 -14.73 1.97 37.24
C GLY B 119 -15.38 3.07 36.42
N PHE B 120 -15.57 4.24 37.03
CA PHE B 120 -16.14 5.37 36.29
C PHE B 120 -15.23 5.82 35.17
N LEU B 121 -13.92 5.83 35.39
CA LEU B 121 -13.00 6.23 34.33
C LEU B 121 -13.05 5.25 33.17
N LEU B 122 -13.10 3.95 33.46
CA LEU B 122 -13.19 2.97 32.39
C LEU B 122 -14.51 3.09 31.64
N LEU B 123 -15.62 3.33 32.37
CA LEU B 123 -16.90 3.55 31.71
C LEU B 123 -16.86 4.79 30.83
N TRP B 124 -16.23 5.86 31.31
CA TRP B 124 -16.09 7.08 30.53
C TRP B 124 -15.32 6.82 29.24
N SER B 125 -14.20 6.10 29.34
CA SER B 125 -13.41 5.80 28.16
C SER B 125 -14.19 4.94 27.19
N ALA B 126 -14.92 3.94 27.69
CA ALA B 126 -15.69 3.07 26.81
C ALA B 126 -16.82 3.82 26.12
N VAL B 127 -17.51 4.69 26.85
CA VAL B 127 -18.65 5.42 26.27
C VAL B 127 -18.17 6.44 25.24
N LEU B 128 -17.09 7.17 25.55
CA LEU B 128 -16.71 8.27 24.68
C LEU B 128 -15.84 7.84 23.50
N ILE B 129 -14.91 6.90 23.69
CA ILE B 129 -13.85 6.66 22.72
C ILE B 129 -14.01 5.30 22.03
N MET B 130 -14.05 4.22 22.81
CA MET B 130 -13.95 2.88 22.22
C MET B 130 -15.11 2.60 21.25
N TYR B 131 -16.33 2.56 21.77
CA TYR B 131 -17.47 2.18 20.94
C TYR B 131 -17.73 3.17 19.81
N PRO B 132 -17.80 4.49 20.05
CA PRO B 132 -18.03 5.41 18.92
C PRO B 132 -16.95 5.34 17.86
N THR B 133 -15.68 5.19 18.23
CA THR B 133 -14.62 5.10 17.23
C THR B 133 -14.73 3.81 16.43
N SER B 134 -15.07 2.70 17.10
CA SER B 134 -15.27 1.45 16.37
C SER B 134 -16.41 1.57 15.37
N LEU B 135 -17.52 2.20 15.79
CA LEU B 135 -18.65 2.39 14.89
C LEU B 135 -18.27 3.29 13.71
N ALA B 136 -17.52 4.35 13.98
CA ALA B 136 -17.10 5.24 12.90
C ALA B 136 -16.20 4.52 11.91
N VAL B 137 -15.29 3.68 12.41
CA VAL B 137 -14.40 2.93 11.52
C VAL B 137 -15.21 1.98 10.64
N ILE B 138 -16.18 1.28 11.23
CA ILE B 138 -16.98 0.34 10.44
C ILE B 138 -17.80 1.07 9.39
N SER B 139 -18.39 2.22 9.76
CA SER B 139 -19.19 2.97 8.79
C SER B 139 -18.33 3.50 7.65
N MET B 140 -17.15 4.04 7.96
CA MET B 140 -16.25 4.52 6.92
C MET B 140 -15.82 3.38 6.00
N THR B 141 -15.58 2.20 6.57
CA THR B 141 -15.24 1.04 5.75
C THR B 141 -16.38 0.67 4.82
N PHE B 142 -17.62 0.71 5.31
CA PHE B 142 -18.76 0.41 4.46
C PHE B 142 -18.84 1.38 3.30
N SER B 143 -18.67 2.68 3.58
CA SER B 143 -18.73 3.67 2.52
C SER B 143 -17.62 3.47 1.50
N ASN B 144 -16.40 3.17 1.97
CA ASN B 144 -15.29 2.93 1.06
C ASN B 144 -15.56 1.73 0.16
N TYR B 145 -16.06 0.64 0.73
CA TYR B 145 -16.30 -0.55 -0.08
C TYR B 145 -17.43 -0.35 -1.08
N VAL B 146 -18.44 0.44 -0.71
CA VAL B 146 -19.52 0.70 -1.67
C VAL B 146 -19.04 1.61 -2.79
N LEU B 147 -18.26 2.64 -2.47
CA LEU B 147 -17.86 3.62 -3.48
C LEU B 147 -16.65 3.20 -4.31
N GLN B 148 -15.91 2.17 -3.89
CA GLN B 148 -14.71 1.79 -4.64
C GLN B 148 -15.00 1.35 -6.07
N PRO B 149 -16.01 0.51 -6.35
CA PRO B 149 -16.22 0.09 -7.75
C PRO B 149 -16.47 1.24 -8.71
N VAL B 150 -17.10 2.33 -8.26
CA VAL B 150 -17.33 3.47 -9.15
C VAL B 150 -16.02 4.16 -9.50
N PHE B 151 -15.09 4.26 -8.54
CA PHE B 151 -13.80 4.92 -8.74
C PHE B 151 -12.71 3.88 -8.46
N PRO B 152 -12.33 3.08 -9.45
CA PRO B 152 -11.42 1.96 -9.19
C PRO B 152 -9.96 2.35 -9.08
N ASN B 153 -9.55 3.41 -9.77
CA ASN B 153 -8.15 3.82 -9.80
C ASN B 153 -7.88 5.12 -9.05
N CYS B 154 -8.91 5.87 -8.70
CA CYS B 154 -8.75 7.12 -7.97
C CYS B 154 -9.64 7.10 -6.74
N ILE B 155 -9.24 7.86 -5.72
CA ILE B 155 -9.96 7.84 -4.44
C ILE B 155 -11.33 8.50 -4.63
N PRO B 156 -12.37 8.00 -3.97
CA PRO B 156 -13.71 8.61 -4.11
C PRO B 156 -13.76 9.95 -3.38
N PRO B 157 -14.74 10.79 -3.70
CA PRO B 157 -14.89 12.05 -2.97
C PRO B 157 -15.16 11.80 -1.50
N THR B 158 -14.63 12.68 -0.65
CA THR B 158 -14.78 12.50 0.79
C THR B 158 -16.19 12.85 1.26
N THR B 159 -16.79 13.91 0.69
CA THR B 159 -18.11 14.33 1.12
C THR B 159 -19.14 13.25 0.88
N ALA B 160 -19.12 12.63 -0.30
CA ALA B 160 -20.06 11.56 -0.60
C ALA B 160 -19.86 10.37 0.32
N SER B 161 -18.60 10.02 0.60
CA SER B 161 -18.33 8.89 1.50
C SER B 161 -18.86 9.16 2.90
N ARG B 162 -18.62 10.36 3.42
CA ARG B 162 -19.09 10.70 4.76
C ARG B 162 -20.62 10.71 4.82
N VAL B 163 -21.26 11.28 3.81
CA VAL B 163 -22.72 11.33 3.78
C VAL B 163 -23.30 9.92 3.73
N LEU B 164 -22.70 9.05 2.91
CA LEU B 164 -23.19 7.68 2.80
C LEU B 164 -23.00 6.92 4.12
N SER B 165 -21.86 7.13 4.78
CA SER B 165 -21.64 6.49 6.08
C SER B 165 -22.68 6.93 7.10
N MET B 166 -22.96 8.24 7.15
CA MET B 166 -23.98 8.71 8.09
C MET B 166 -25.36 8.17 7.73
N ALA B 167 -25.66 8.04 6.44
CA ALA B 167 -26.95 7.47 6.05
C ALA B 167 -27.08 6.05 6.57
N CYS B 168 -26.04 5.23 6.39
CA CYS B 168 -26.07 3.87 6.89
C CYS B 168 -26.23 3.83 8.40
N LEU B 169 -25.46 4.67 9.12
CA LEU B 169 -25.52 4.66 10.57
C LEU B 169 -26.90 5.06 11.08
N MET B 170 -27.50 6.09 10.48
CA MET B 170 -28.82 6.54 10.92
C MET B 170 -29.89 5.51 10.61
N LEU B 171 -29.79 4.84 9.45
CA LEU B 171 -30.76 3.79 9.15
C LEU B 171 -30.68 2.67 10.17
N LEU B 172 -29.46 2.25 10.52
CA LEU B 172 -29.34 1.17 11.51
C LEU B 172 -29.79 1.61 12.90
N THR B 173 -29.54 2.87 13.28
CA THR B 173 -30.06 3.37 14.55
C THR B 173 -31.58 3.35 14.58
N TRP B 174 -32.22 3.77 13.49
CA TRP B 174 -33.68 3.72 13.45
C TRP B 174 -34.18 2.29 13.53
N VAL B 175 -33.51 1.37 12.83
CA VAL B 175 -33.93 -0.03 12.88
C VAL B 175 -33.82 -0.57 14.30
N ASN B 176 -32.73 -0.24 15.01
CA ASN B 176 -32.57 -0.71 16.37
C ASN B 176 -33.58 -0.06 17.32
N SER B 177 -33.97 1.18 17.05
CA SER B 177 -34.97 1.84 17.90
C SER B 177 -36.37 1.31 17.66
N SER B 178 -36.67 0.84 16.45
CA SER B 178 -38.02 0.40 16.14
C SER B 178 -38.40 -0.87 16.90
N SER B 179 -37.52 -1.88 16.86
CA SER B 179 -37.84 -3.16 17.47
C SER B 179 -36.56 -3.90 17.82
N VAL B 180 -36.71 -5.06 18.45
CA VAL B 180 -35.59 -5.87 18.88
C VAL B 180 -35.50 -7.18 18.09
N ARG B 181 -36.65 -7.82 17.83
CA ARG B 181 -36.64 -9.06 17.07
C ARG B 181 -36.16 -8.83 15.64
N TRP B 182 -36.56 -7.71 15.03
CA TRP B 182 -36.02 -7.35 13.72
C TRP B 182 -34.51 -7.26 13.77
N ALA B 183 -33.97 -6.60 14.80
CA ALA B 183 -32.54 -6.46 14.93
C ALA B 183 -31.86 -7.82 15.08
N THR B 184 -32.46 -8.73 15.86
CA THR B 184 -31.87 -10.04 16.05
C THR B 184 -31.80 -10.82 14.74
N ARG B 185 -32.93 -10.90 14.03
CA ARG B 185 -32.95 -11.64 12.77
C ARG B 185 -32.01 -11.03 11.75
N ILE B 186 -31.98 -9.70 11.69
CA ILE B 186 -31.11 -9.01 10.75
C ILE B 186 -29.65 -9.27 11.07
N GLN B 187 -29.30 -9.29 12.36
CA GLN B 187 -27.93 -9.60 12.75
C GLN B 187 -27.55 -11.01 12.37
N ASP B 188 -28.48 -11.96 12.53
CA ASP B 188 -28.19 -13.34 12.12
C ASP B 188 -27.95 -13.43 10.62
N MET B 189 -28.78 -12.73 9.83
CA MET B 189 -28.58 -12.74 8.38
C MET B 189 -27.23 -12.13 7.99
N PHE B 190 -26.85 -11.03 8.65
CA PHE B 190 -25.55 -10.43 8.37
C PHE B 190 -24.40 -11.36 8.77
N THR B 191 -24.55 -12.09 9.87
CA THR B 191 -23.53 -13.08 10.24
C THR B 191 -23.40 -14.15 9.18
N GLY B 192 -24.53 -14.62 8.64
CA GLY B 192 -24.47 -15.54 7.53
C GLY B 192 -23.72 -14.95 6.34
N GLY B 193 -23.98 -13.69 6.03
CA GLY B 193 -23.29 -13.05 4.93
C GLY B 193 -21.78 -12.97 5.12
N LYS B 194 -21.35 -12.57 6.32
CA LYS B 194 -19.91 -12.43 6.57
C LYS B 194 -19.22 -13.80 6.53
N LEU B 195 -19.87 -14.83 7.08
CA LEU B 195 -19.28 -16.16 7.01
C LEU B 195 -19.18 -16.64 5.57
N LEU B 196 -20.20 -16.35 4.75
CA LEU B 196 -20.13 -16.71 3.35
C LEU B 196 -18.96 -16.02 2.65
N ALA B 197 -18.77 -14.73 2.93
CA ALA B 197 -17.67 -14.00 2.30
C ALA B 197 -16.32 -14.59 2.69
N LEU B 198 -16.12 -14.87 3.98
CA LEU B 198 -14.86 -15.45 4.42
C LEU B 198 -14.63 -16.82 3.80
N SER B 199 -15.66 -17.65 3.75
CA SER B 199 -15.53 -18.97 3.15
C SER B 199 -15.17 -18.89 1.68
N LEU B 200 -15.81 -17.97 0.95
CA LEU B 200 -15.50 -17.82 -0.47
C LEU B 200 -14.05 -17.38 -0.68
N ILE B 201 -13.59 -16.41 0.12
CA ILE B 201 -12.21 -15.94 -0.03
C ILE B 201 -11.23 -17.08 0.24
N ILE B 202 -11.47 -17.84 1.32
CA ILE B 202 -10.56 -18.92 1.66
C ILE B 202 -10.56 -19.99 0.58
N GLY B 203 -11.74 -20.32 0.04
CA GLY B 203 -11.82 -21.33 -0.99
C GLY B 203 -11.10 -20.94 -2.27
N VAL B 204 -11.28 -19.69 -2.70
CA VAL B 204 -10.59 -19.22 -3.89
C VAL B 204 -9.08 -19.20 -3.66
N GLY B 205 -8.66 -18.80 -2.47
CA GLY B 205 -7.24 -18.84 -2.16
C GLY B 205 -6.66 -20.24 -2.23
N LEU B 206 -7.39 -21.22 -1.68
CA LEU B 206 -6.93 -22.60 -1.74
C LEU B 206 -6.88 -23.11 -3.18
N LEU B 207 -7.88 -22.74 -3.99
CA LEU B 207 -7.88 -23.15 -5.38
C LEU B 207 -6.68 -22.58 -6.13
N GLN B 208 -6.35 -21.31 -5.89
CA GLN B 208 -5.18 -20.72 -6.51
C GLN B 208 -3.89 -21.37 -6.00
N ILE B 209 -3.87 -21.76 -4.72
CA ILE B 209 -2.70 -22.44 -4.18
C ILE B 209 -2.50 -23.79 -4.87
N PHE B 210 -3.58 -24.53 -5.09
CA PHE B 210 -3.47 -25.82 -5.78
C PHE B 210 -3.08 -25.67 -7.24
N GLN B 211 -3.23 -24.48 -7.82
CA GLN B 211 -2.87 -24.24 -9.22
C GLN B 211 -1.40 -23.87 -9.38
N GLY B 212 -0.64 -23.76 -8.29
CA GLY B 212 0.78 -23.49 -8.38
C GLY B 212 1.12 -22.02 -8.51
N HIS B 213 0.43 -21.16 -7.76
CA HIS B 213 0.69 -19.72 -7.76
C HIS B 213 0.94 -19.30 -6.32
N PHE B 214 2.20 -19.41 -5.89
CA PHE B 214 2.62 -19.01 -4.54
C PHE B 214 3.96 -18.30 -4.60
N GLU B 215 4.12 -17.39 -5.56
CA GLU B 215 5.40 -16.71 -5.74
C GLU B 215 5.77 -15.88 -4.52
N GLU B 216 4.80 -15.16 -3.95
CA GLU B 216 5.10 -14.28 -2.83
C GLU B 216 5.36 -15.04 -1.54
N LEU B 217 4.83 -16.26 -1.40
CA LEU B 217 4.97 -17.00 -0.15
C LEU B 217 6.31 -17.71 -0.02
N ARG B 218 7.07 -17.84 -1.09
CA ARG B 218 8.37 -18.48 -1.01
C ARG B 218 9.34 -17.61 -0.22
N PRO B 219 10.30 -18.21 0.49
CA PRO B 219 11.22 -17.41 1.31
C PRO B 219 12.03 -16.40 0.51
N SER B 220 12.24 -16.65 -0.78
CA SER B 220 12.95 -15.68 -1.62
C SER B 220 12.18 -14.36 -1.71
N ASN B 221 10.85 -14.45 -1.83
CA ASN B 221 10.02 -13.25 -1.95
C ASN B 221 9.32 -12.86 -0.67
N ALA B 222 9.06 -13.83 0.23
CA ALA B 222 8.34 -13.51 1.46
C ALA B 222 9.13 -12.54 2.34
N PHE B 223 10.45 -12.74 2.42
CA PHE B 223 11.31 -11.91 3.26
C PHE B 223 12.03 -10.83 2.44
N ALA B 224 11.38 -10.29 1.42
CA ALA B 224 11.94 -9.21 0.63
C ALA B 224 11.56 -7.89 1.29
N PHE B 225 12.43 -7.39 2.16
CA PHE B 225 12.14 -6.20 2.95
C PHE B 225 12.44 -4.97 2.10
N TRP B 226 11.39 -4.20 1.80
CA TRP B 226 11.56 -2.91 1.13
C TRP B 226 11.76 -1.78 2.12
N MET B 227 11.83 -2.08 3.41
CA MET B 227 12.05 -1.07 4.44
C MET B 227 12.49 -1.78 5.71
N THR B 228 13.55 -1.29 6.33
CA THR B 228 14.03 -1.91 7.56
C THR B 228 13.03 -1.67 8.67
N PRO B 229 12.46 -2.70 9.28
CA PRO B 229 11.41 -2.50 10.29
C PRO B 229 12.01 -2.20 11.65
N SER B 230 11.63 -1.06 12.21
CA SER B 230 12.05 -0.68 13.55
C SER B 230 11.08 -1.23 14.59
N VAL B 231 11.42 -1.00 15.86
CA VAL B 231 10.56 -1.48 16.95
C VAL B 231 9.27 -0.69 17.01
N GLY B 232 9.35 0.63 16.89
CA GLY B 232 8.15 1.45 16.92
C GLY B 232 7.20 1.15 15.77
N HIS B 233 7.76 0.90 14.58
CA HIS B 233 6.92 0.52 13.46
C HIS B 233 6.25 -0.83 13.70
N LEU B 234 6.95 -1.75 14.35
CA LEU B 234 6.33 -3.03 14.72
C LEU B 234 5.20 -2.83 15.73
N ALA B 235 5.39 -1.92 16.69
CA ALA B 235 4.32 -1.63 17.64
C ALA B 235 3.10 -1.03 16.94
N LEU B 236 3.33 -0.12 16.00
CA LEU B 236 2.21 0.45 15.24
C LEU B 236 1.52 -0.62 14.39
N ALA B 237 2.30 -1.54 13.82
CA ALA B 237 1.71 -2.63 13.04
C ALA B 237 0.85 -3.52 13.93
N PHE B 238 1.30 -3.79 15.16
CA PHE B 238 0.50 -4.59 16.06
C PHE B 238 -0.76 -3.84 16.49
N LEU B 239 -0.67 -2.53 16.70
CA LEU B 239 -1.87 -1.75 16.99
C LEU B 239 -2.87 -1.84 15.85
N GLN B 240 -2.40 -1.75 14.61
CA GLN B 240 -3.30 -1.88 13.46
C GLN B 240 -3.89 -3.27 13.37
N GLY B 241 -3.09 -4.31 13.66
CA GLY B 241 -3.56 -5.68 13.52
C GLY B 241 -4.38 -6.19 14.66
N SER B 242 -4.37 -5.50 15.80
CA SER B 242 -5.20 -5.92 16.93
C SER B 242 -6.65 -5.48 16.79
N PHE B 243 -6.95 -4.57 15.87
CA PHE B 243 -8.33 -4.14 15.67
C PHE B 243 -9.19 -5.28 15.15
N ALA B 244 -8.59 -6.23 14.42
CA ALA B 244 -9.37 -7.33 13.87
C ALA B 244 -9.87 -8.27 14.94
N PHE B 245 -9.17 -8.35 16.08
CA PHE B 245 -9.55 -9.22 17.18
C PHE B 245 -10.36 -8.50 18.24
N SER B 246 -10.64 -7.21 18.07
CA SER B 246 -11.33 -6.46 19.10
C SER B 246 -12.76 -6.95 19.26
N GLY B 247 -13.23 -6.97 20.51
CA GLY B 247 -14.55 -7.47 20.83
C GLY B 247 -14.59 -8.86 21.46
N TRP B 248 -13.44 -9.41 21.83
CA TRP B 248 -13.40 -10.74 22.42
C TRP B 248 -13.90 -10.78 23.86
N ASN B 249 -13.90 -9.65 24.55
CA ASN B 249 -14.33 -9.58 25.94
C ASN B 249 -15.83 -9.34 26.09
N PHE B 250 -16.55 -9.10 24.99
CA PHE B 250 -17.99 -8.90 25.07
C PHE B 250 -18.71 -10.10 25.66
N LEU B 251 -18.12 -11.29 25.55
CA LEU B 251 -18.70 -12.48 26.18
C LEU B 251 -18.89 -12.26 27.68
N ASN B 252 -17.95 -11.57 28.32
CA ASN B 252 -18.06 -11.33 29.76
C ASN B 252 -19.28 -10.50 30.11
N TYR B 253 -19.89 -9.83 29.12
CA TYR B 253 -21.11 -9.08 29.38
C TYR B 253 -22.32 -9.98 29.57
N VAL B 254 -22.23 -11.25 29.18
CA VAL B 254 -23.35 -12.18 29.23
C VAL B 254 -23.05 -13.37 30.14
N THR B 255 -22.06 -13.23 31.04
CA THR B 255 -21.65 -14.35 31.88
C THR B 255 -22.79 -14.86 32.76
N GLU B 256 -23.62 -13.95 33.26
CA GLU B 256 -24.77 -14.37 34.07
C GLU B 256 -25.74 -15.22 33.26
N GLU B 257 -25.82 -15.00 31.96
CA GLU B 257 -26.69 -15.78 31.08
C GLU B 257 -26.04 -17.07 30.61
N MET B 258 -24.81 -17.34 31.03
CA MET B 258 -24.10 -18.55 30.62
C MET B 258 -24.40 -19.68 31.59
N VAL B 259 -24.72 -20.85 31.04
CA VAL B 259 -25.01 -22.03 31.84
C VAL B 259 -23.72 -22.82 32.01
N ASP B 260 -23.33 -23.06 33.27
CA ASP B 260 -22.13 -23.82 33.61
C ASP B 260 -20.90 -23.21 32.93
N ALA B 261 -20.61 -21.97 33.33
CA ALA B 261 -19.48 -21.25 32.76
C ALA B 261 -18.15 -21.93 33.07
N ARG B 262 -18.06 -22.61 34.22
CA ARG B 262 -16.79 -23.12 34.70
C ARG B 262 -16.15 -24.08 33.71
N LYS B 263 -16.94 -24.98 33.13
CA LYS B 263 -16.40 -25.98 32.23
C LYS B 263 -16.35 -25.50 30.78
N ASN B 264 -17.38 -24.79 30.33
CA ASN B 264 -17.43 -24.39 28.93
C ASN B 264 -16.49 -23.23 28.60
N LEU B 265 -16.22 -22.35 29.57
CA LEU B 265 -15.45 -21.14 29.25
C LEU B 265 -14.04 -21.45 28.75
N PRO B 266 -13.21 -22.25 29.44
CA PRO B 266 -11.89 -22.57 28.86
C PRO B 266 -11.98 -23.35 27.57
N ARG B 267 -12.91 -24.31 27.48
CA ARG B 267 -13.09 -25.05 26.24
C ARG B 267 -13.50 -24.11 25.12
N ALA B 268 -14.39 -23.16 25.40
CA ALA B 268 -14.79 -22.20 24.39
C ALA B 268 -13.61 -21.37 23.92
N ILE B 269 -12.77 -20.91 24.85
CA ILE B 269 -11.62 -20.09 24.46
C ILE B 269 -10.66 -20.90 23.58
N PHE B 270 -10.36 -22.13 24.00
CA PHE B 270 -9.42 -22.95 23.24
C PHE B 270 -9.97 -23.34 21.87
N ILE B 271 -11.28 -23.54 21.76
CA ILE B 271 -11.87 -23.83 20.46
C ILE B 271 -11.85 -22.58 19.57
N SER B 272 -12.14 -21.42 20.16
CA SER B 272 -12.40 -20.23 19.35
C SER B 272 -11.13 -19.54 18.88
N ILE B 273 -10.25 -19.16 19.81
CA ILE B 273 -9.14 -18.25 19.45
C ILE B 273 -8.22 -18.84 18.39
N PRO B 274 -7.73 -20.08 18.51
CA PRO B 274 -6.90 -20.63 17.42
C PRO B 274 -7.62 -20.70 16.09
N LEU B 275 -8.92 -20.99 16.09
CA LEU B 275 -9.67 -21.04 14.83
C LEU B 275 -9.73 -19.67 14.18
N VAL B 276 -9.96 -18.61 14.98
CA VAL B 276 -9.98 -17.26 14.44
C VAL B 276 -8.61 -16.88 13.88
N THR B 277 -7.55 -17.22 14.60
CA THR B 277 -6.21 -16.92 14.11
C THR B 277 -5.94 -17.64 12.79
N PHE B 278 -6.33 -18.91 12.69
CA PHE B 278 -6.14 -19.67 11.47
C PHE B 278 -6.92 -19.05 10.32
N VAL B 279 -8.17 -18.65 10.56
CA VAL B 279 -8.98 -18.06 9.51
C VAL B 279 -8.36 -16.76 9.02
N TYR B 280 -7.91 -15.91 9.94
CA TYR B 280 -7.31 -14.64 9.53
C TYR B 280 -6.02 -14.86 8.75
N THR B 281 -5.19 -15.80 9.21
CA THR B 281 -3.94 -16.09 8.49
C THR B 281 -4.21 -16.63 7.10
N PHE B 282 -5.19 -17.53 6.97
CA PHE B 282 -5.52 -18.08 5.66
C PHE B 282 -6.08 -17.01 4.73
N THR B 283 -6.90 -16.10 5.26
CA THR B 283 -7.41 -15.01 4.43
C THR B 283 -6.28 -14.11 3.96
N ASN B 284 -5.31 -13.81 4.83
CA ASN B 284 -4.15 -13.03 4.43
C ASN B 284 -3.34 -13.76 3.36
N ILE B 285 -3.18 -15.08 3.50
CA ILE B 285 -2.47 -15.87 2.52
C ILE B 285 -3.17 -15.81 1.17
N ALA B 286 -4.50 -15.92 1.17
CA ALA B 286 -5.25 -15.81 -0.08
C ALA B 286 -5.07 -14.44 -0.71
N TYR B 287 -5.13 -13.38 0.10
CA TYR B 287 -4.90 -12.03 -0.42
C TYR B 287 -3.55 -11.92 -1.09
N PHE B 288 -2.51 -12.47 -0.46
CA PHE B 288 -1.16 -12.34 -0.99
C PHE B 288 -0.96 -13.21 -2.23
N THR B 289 -1.61 -14.37 -2.30
CA THR B 289 -1.52 -15.18 -3.51
C THR B 289 -2.33 -14.61 -4.66
N ALA B 290 -3.31 -13.76 -4.38
CA ALA B 290 -4.11 -13.18 -5.46
C ALA B 290 -3.56 -11.87 -5.98
N MET B 291 -2.74 -11.15 -5.20
CA MET B 291 -2.25 -9.85 -5.63
C MET B 291 -0.91 -9.56 -4.97
N SER B 292 -0.13 -8.69 -5.61
CA SER B 292 1.20 -8.34 -5.16
C SER B 292 1.14 -7.36 -3.99
N PRO B 293 2.12 -7.41 -3.08
CA PRO B 293 2.08 -6.50 -1.92
C PRO B 293 2.07 -5.03 -2.28
N GLN B 294 2.82 -4.62 -3.31
CA GLN B 294 2.83 -3.22 -3.70
C GLN B 294 1.46 -2.78 -4.19
N GLU B 295 0.84 -3.59 -5.07
CA GLU B 295 -0.50 -3.26 -5.56
C GLU B 295 -1.55 -3.46 -4.48
N LEU B 296 -1.28 -4.32 -3.48
CA LEU B 296 -2.18 -4.44 -2.34
C LEU B 296 -2.17 -3.16 -1.51
N LEU B 297 -1.00 -2.58 -1.30
CA LEU B 297 -0.89 -1.35 -0.53
C LEU B 297 -1.52 -0.18 -1.25
N SER B 298 -1.60 -0.24 -2.58
CA SER B 298 -2.12 0.87 -3.37
C SER B 298 -3.63 0.88 -3.50
N SER B 299 -4.32 -0.11 -2.92
CA SER B 299 -5.77 -0.22 -3.03
C SER B 299 -6.43 0.19 -1.72
N ASN B 300 -7.53 0.94 -1.83
CA ASN B 300 -8.32 1.31 -0.67
C ASN B 300 -9.29 0.22 -0.22
N ALA B 301 -9.40 -0.87 -0.99
CA ALA B 301 -10.25 -2.00 -0.61
C ALA B 301 -9.57 -3.26 -1.15
N VAL B 302 -8.83 -3.95 -0.29
CA VAL B 302 -8.08 -5.13 -0.71
C VAL B 302 -9.02 -6.20 -1.24
N ALA B 303 -10.12 -6.43 -0.51
CA ALA B 303 -11.07 -7.46 -0.93
C ALA B 303 -11.65 -7.15 -2.30
N VAL B 304 -11.94 -5.88 -2.57
CA VAL B 304 -12.53 -5.51 -3.86
C VAL B 304 -11.58 -5.81 -5.00
N THR B 305 -10.29 -5.49 -4.82
CA THR B 305 -9.30 -5.82 -5.84
C THR B 305 -9.21 -7.33 -6.04
N PHE B 306 -9.24 -8.09 -4.93
CA PHE B 306 -9.28 -9.55 -5.03
C PHE B 306 -10.45 -10.00 -5.90
N GLY B 307 -11.64 -9.51 -5.61
CA GLY B 307 -12.82 -9.92 -6.35
C GLY B 307 -12.76 -9.50 -7.81
N GLU B 308 -12.22 -8.31 -8.07
CA GLU B 308 -12.11 -7.83 -9.44
C GLU B 308 -11.19 -8.72 -10.28
N LYS B 309 -10.06 -9.14 -9.70
CA LYS B 309 -9.11 -9.90 -10.50
C LYS B 309 -9.43 -11.39 -10.54
N LEU B 310 -10.03 -11.93 -9.48
CA LEU B 310 -10.28 -13.37 -9.42
C LEU B 310 -11.67 -13.77 -9.87
N LEU B 311 -12.71 -13.18 -9.30
CA LEU B 311 -14.07 -13.62 -9.58
C LEU B 311 -14.55 -13.26 -10.99
N GLY B 312 -13.94 -12.26 -11.62
CA GLY B 312 -14.36 -11.88 -12.96
C GLY B 312 -15.77 -11.34 -12.95
N TYR B 313 -16.65 -11.97 -13.73
CA TYR B 313 -18.03 -11.49 -13.85
C TYR B 313 -18.74 -11.53 -12.51
N PHE B 314 -18.47 -12.55 -11.70
CA PHE B 314 -19.07 -12.67 -10.38
C PHE B 314 -18.44 -11.75 -9.34
N SER B 315 -17.57 -10.82 -9.77
CA SER B 315 -16.93 -9.92 -8.82
C SER B 315 -17.96 -9.17 -7.98
N TRP B 316 -19.02 -8.68 -8.63
CA TRP B 316 -20.08 -7.94 -7.94
C TRP B 316 -20.63 -8.68 -6.74
N VAL B 317 -20.43 -10.00 -6.68
CA VAL B 317 -20.95 -10.78 -5.55
C VAL B 317 -20.30 -10.34 -4.25
N MET B 318 -19.00 -10.10 -4.27
CA MET B 318 -18.30 -9.94 -3.00
C MET B 318 -18.55 -8.59 -2.33
N PRO B 319 -18.36 -7.44 -3.01
CA PRO B 319 -18.52 -6.16 -2.29
C PRO B 319 -19.89 -5.97 -1.67
N VAL B 320 -20.93 -6.55 -2.25
CA VAL B 320 -22.21 -6.61 -1.56
C VAL B 320 -22.10 -7.49 -0.31
N SER B 321 -21.55 -8.70 -0.48
CA SER B 321 -21.43 -9.61 0.63
C SER B 321 -20.49 -9.09 1.70
N VAL B 322 -19.50 -8.28 1.33
CA VAL B 322 -18.68 -7.61 2.33
C VAL B 322 -19.48 -6.54 3.05
N ALA B 323 -20.29 -5.78 2.31
CA ALA B 323 -21.02 -4.66 2.91
C ALA B 323 -21.94 -5.15 4.03
N LEU B 324 -22.65 -6.25 3.79
CA LEU B 324 -23.49 -6.84 4.83
C LEU B 324 -22.69 -7.05 6.11
N SER B 325 -21.46 -7.57 5.97
CA SER B 325 -20.61 -7.78 7.14
C SER B 325 -20.48 -6.50 7.95
N THR B 326 -20.18 -5.37 7.28
CA THR B 326 -20.05 -4.11 8.00
C THR B 326 -21.35 -3.75 8.70
N PHE B 327 -22.49 -3.96 8.02
CA PHE B 327 -23.78 -3.79 8.67
C PHE B 327 -23.84 -4.61 9.95
N GLY B 328 -23.49 -5.90 9.85
CA GLY B 328 -23.53 -6.77 11.02
C GLY B 328 -22.64 -6.30 12.15
N GLY B 329 -21.64 -5.48 11.83
CA GLY B 329 -20.88 -4.85 12.89
C GLY B 329 -21.70 -3.81 13.60
N ILE B 330 -22.14 -2.79 12.84
CA ILE B 330 -22.73 -1.59 13.45
C ILE B 330 -23.85 -1.97 14.39
N ASN B 331 -24.89 -2.62 13.83
CA ASN B 331 -26.01 -3.12 14.61
C ASN B 331 -25.53 -3.76 15.91
N GLY B 332 -24.65 -4.76 15.80
CA GLY B 332 -24.22 -5.48 16.99
C GLY B 332 -23.64 -4.55 18.03
N TYR B 333 -22.75 -3.65 17.59
CA TYR B 333 -22.13 -2.74 18.55
C TYR B 333 -23.17 -1.92 19.28
N LEU B 334 -24.18 -1.42 18.56
CA LEU B 334 -25.22 -0.64 19.20
C LEU B 334 -25.83 -1.41 20.35
N PHE B 335 -26.12 -2.70 20.14
CA PHE B 335 -26.69 -3.51 21.19
C PHE B 335 -25.83 -3.45 22.44
N THR B 336 -24.53 -3.73 22.29
CA THR B 336 -23.66 -3.71 23.46
C THR B 336 -23.70 -2.34 24.12
N TYR B 337 -23.69 -1.28 23.32
CA TYR B 337 -23.74 0.06 23.88
C TYR B 337 -24.92 0.19 24.84
N SER B 338 -26.11 -0.23 24.39
CA SER B 338 -27.28 -0.14 25.26
C SER B 338 -27.06 -0.95 26.53
N ARG B 339 -26.57 -2.19 26.38
CA ARG B 339 -26.39 -3.03 27.56
C ARG B 339 -25.30 -2.50 28.47
N LEU B 340 -24.51 -1.54 28.01
CA LEU B 340 -23.59 -0.87 28.92
C LEU B 340 -24.30 0.23 29.68
N CYS B 341 -25.07 1.07 28.97
CA CYS B 341 -25.67 2.25 29.60
C CYS B 341 -26.62 1.85 30.72
N PHE B 342 -27.43 0.81 30.49
CA PHE B 342 -28.24 0.23 31.56
C PHE B 342 -27.41 0.03 32.80
N SER B 343 -26.31 -0.71 32.68
CA SER B 343 -25.43 -0.95 33.82
C SER B 343 -24.89 0.37 34.36
N GLY B 344 -24.55 1.30 33.47
CA GLY B 344 -24.04 2.59 33.92
C GLY B 344 -25.01 3.34 34.80
N ALA B 345 -26.30 3.02 34.70
CA ALA B 345 -27.29 3.63 35.58
C ALA B 345 -27.66 2.76 36.76
N ARG B 346 -27.37 1.46 36.68
CA ARG B 346 -27.70 0.58 37.80
C ARG B 346 -26.80 0.83 38.99
N GLU B 347 -25.55 1.23 38.74
CA GLU B 347 -24.61 1.56 39.79
C GLU B 347 -24.64 3.03 40.17
N GLY B 348 -25.53 3.81 39.57
CA GLY B 348 -25.61 5.24 39.86
C GLY B 348 -24.43 6.04 39.36
N HIS B 349 -23.92 5.72 38.17
CA HIS B 349 -22.83 6.47 37.55
C HIS B 349 -23.28 7.35 36.41
N LEU B 350 -24.35 6.99 35.71
CA LEU B 350 -24.90 7.75 34.60
C LEU B 350 -26.30 8.22 34.94
N PRO B 351 -26.77 9.30 34.31
CA PRO B 351 -28.15 9.75 34.54
C PRO B 351 -29.14 8.66 34.17
N SER B 352 -30.22 8.58 34.95
CA SER B 352 -31.21 7.52 34.74
C SER B 352 -31.89 7.63 33.39
N LEU B 353 -31.93 8.83 32.80
CA LEU B 353 -32.60 9.00 31.51
C LEU B 353 -32.00 8.11 30.43
N LEU B 354 -30.71 7.79 30.56
CA LEU B 354 -30.05 6.94 29.57
C LEU B 354 -30.42 5.47 29.69
N ALA B 355 -31.07 5.06 30.78
CA ALA B 355 -31.42 3.67 30.99
C ALA B 355 -32.88 3.35 30.73
N MET B 356 -33.69 4.36 30.39
CA MET B 356 -35.11 4.14 30.19
C MET B 356 -35.39 3.46 28.86
N ILE B 357 -36.50 2.73 28.81
CA ILE B 357 -36.91 2.01 27.61
C ILE B 357 -38.24 2.58 27.13
N HIS B 358 -38.54 2.34 25.87
CA HIS B 358 -39.80 2.82 25.29
C HIS B 358 -40.98 2.11 25.95
N VAL B 359 -42.07 2.85 26.12
CA VAL B 359 -43.24 2.29 26.79
C VAL B 359 -43.85 1.16 25.98
N ARG B 360 -43.97 1.35 24.66
CA ARG B 360 -44.60 0.35 23.81
C ARG B 360 -43.62 -0.69 23.28
N HIS B 361 -42.58 -0.23 22.57
CA HIS B 361 -41.67 -1.12 21.87
C HIS B 361 -40.56 -1.67 22.75
N CYS B 362 -40.36 -1.11 23.94
CA CYS B 362 -39.34 -1.56 24.89
C CYS B 362 -37.95 -1.53 24.26
N THR B 363 -37.56 -0.35 23.78
CA THR B 363 -36.27 -0.13 23.16
C THR B 363 -35.57 1.06 23.81
N PRO B 364 -34.25 0.98 24.01
CA PRO B 364 -33.49 2.07 24.68
C PRO B 364 -33.12 3.21 23.73
N ILE B 365 -34.08 4.12 23.54
CA ILE B 365 -33.92 5.21 22.59
C ILE B 365 -32.82 6.20 22.97
N PRO B 366 -32.75 6.71 24.21
CA PRO B 366 -31.72 7.72 24.50
C PRO B 366 -30.29 7.22 24.33
N ALA B 367 -30.02 5.96 24.68
CA ALA B 367 -28.68 5.42 24.50
C ALA B 367 -28.29 5.38 23.02
N LEU B 368 -29.20 4.93 22.17
CA LEU B 368 -28.93 4.91 20.73
C LEU B 368 -28.72 6.31 20.19
N LEU B 369 -29.54 7.26 20.64
CA LEU B 369 -29.39 8.64 20.19
C LEU B 369 -28.02 9.21 20.57
N VAL B 370 -27.60 8.97 21.81
CA VAL B 370 -26.29 9.47 22.26
C VAL B 370 -25.17 8.81 21.45
N CYS B 371 -25.29 7.50 21.21
CA CYS B 371 -24.26 6.80 20.45
C CYS B 371 -24.15 7.35 19.03
N CYS B 372 -25.30 7.57 18.38
CA CYS B 372 -25.29 8.11 17.02
C CYS B 372 -24.68 9.50 16.99
N GLY B 373 -25.04 10.35 17.96
CA GLY B 373 -24.46 11.69 18.00
C GLY B 373 -22.96 11.66 18.18
N ALA B 374 -22.47 10.83 19.11
CA ALA B 374 -21.04 10.77 19.35
C ALA B 374 -20.28 10.25 18.13
N THR B 375 -20.82 9.21 17.49
CA THR B 375 -20.16 8.67 16.30
C THR B 375 -20.15 9.68 15.16
N ALA B 376 -21.25 10.41 14.97
CA ALA B 376 -21.29 11.42 13.92
C ALA B 376 -20.28 12.53 14.20
N VAL B 377 -20.13 12.93 15.47
CA VAL B 377 -19.14 13.94 15.80
C VAL B 377 -17.74 13.43 15.52
N ILE B 378 -17.45 12.17 15.87
CA ILE B 378 -16.11 11.64 15.69
C ILE B 378 -15.76 11.49 14.21
N MET B 379 -16.74 11.11 13.39
CA MET B 379 -16.45 10.81 11.98
C MET B 379 -15.90 12.01 11.24
N LEU B 380 -16.32 13.23 11.60
CA LEU B 380 -15.88 14.43 10.89
C LEU B 380 -14.39 14.72 11.06
N VAL B 381 -13.76 14.20 12.11
CA VAL B 381 -12.43 14.69 12.48
C VAL B 381 -11.34 13.84 11.85
N GLY B 382 -11.30 12.55 12.20
CA GLY B 382 -10.14 11.74 11.86
C GLY B 382 -10.31 10.91 10.60
N ASP B 383 -9.22 10.25 10.23
CA ASP B 383 -9.19 9.26 9.16
C ASP B 383 -9.35 7.88 9.77
N THR B 384 -9.55 6.88 8.90
CA THR B 384 -9.82 5.52 9.38
C THR B 384 -8.67 5.00 10.23
N TYR B 385 -7.43 5.16 9.77
CA TYR B 385 -6.31 4.55 10.45
C TYR B 385 -5.91 5.29 11.73
N THR B 386 -6.06 6.61 11.75
CA THR B 386 -5.87 7.34 13.00
C THR B 386 -6.88 6.88 14.05
N LEU B 387 -8.13 6.69 13.65
CA LEU B 387 -9.14 6.18 14.57
C LEU B 387 -8.80 4.77 15.03
N ILE B 388 -8.27 3.94 14.13
CA ILE B 388 -7.85 2.60 14.52
C ILE B 388 -6.75 2.67 15.58
N ASN B 389 -5.79 3.57 15.39
CA ASN B 389 -4.73 3.74 16.39
C ASN B 389 -5.31 4.17 17.74
N TYR B 390 -6.22 5.15 17.72
CA TYR B 390 -6.86 5.60 18.96
C TYR B 390 -7.52 4.43 19.69
N VAL B 391 -8.38 3.70 18.98
CA VAL B 391 -9.18 2.68 19.65
C VAL B 391 -8.30 1.52 20.11
N SER B 392 -7.28 1.15 19.32
CA SER B 392 -6.39 0.07 19.73
C SER B 392 -5.58 0.45 20.96
N PHE B 393 -5.05 1.68 20.99
CA PHE B 393 -4.28 2.12 22.15
C PHE B 393 -5.14 2.09 23.41
N ILE B 394 -6.35 2.65 23.34
CA ILE B 394 -7.16 2.72 24.55
C ILE B 394 -7.67 1.33 24.94
N ASN B 395 -7.96 0.46 23.97
CA ASN B 395 -8.37 -0.90 24.29
C ASN B 395 -7.27 -1.62 25.05
N TYR B 396 -6.02 -1.49 24.59
CA TYR B 396 -4.93 -2.17 25.27
C TYR B 396 -4.68 -1.56 26.66
N LEU B 397 -4.85 -0.25 26.80
CA LEU B 397 -4.74 0.37 28.12
C LEU B 397 -5.76 -0.23 29.08
N CYS B 398 -7.01 -0.36 28.64
CA CYS B 398 -8.06 -0.92 29.50
C CYS B 398 -7.78 -2.37 29.84
N TYR B 399 -7.32 -3.15 28.85
CA TYR B 399 -7.02 -4.56 29.13
C TYR B 399 -5.89 -4.68 30.15
N GLY B 400 -4.85 -3.87 30.01
CA GLY B 400 -3.77 -3.92 30.99
C GLY B 400 -4.21 -3.53 32.38
N VAL B 401 -5.07 -2.51 32.47
CA VAL B 401 -5.59 -2.10 33.78
C VAL B 401 -6.38 -3.23 34.41
N THR B 402 -7.21 -3.91 33.62
CA THR B 402 -8.01 -5.02 34.15
C THR B 402 -7.11 -6.17 34.62
N ILE B 403 -6.05 -6.46 33.86
CA ILE B 403 -5.17 -7.57 34.27
C ILE B 403 -4.42 -7.22 35.55
N LEU B 404 -3.96 -5.96 35.66
CA LEU B 404 -3.34 -5.54 36.92
C LEU B 404 -4.32 -5.62 38.07
N GLY B 405 -5.60 -5.32 37.81
CA GLY B 405 -6.61 -5.53 38.82
C GLY B 405 -6.78 -6.98 39.20
N LEU B 406 -6.65 -7.89 38.24
CA LEU B 406 -6.69 -9.32 38.53
C LEU B 406 -5.55 -9.70 39.48
N LEU B 407 -4.35 -9.17 39.20
CA LEU B 407 -3.21 -9.46 40.08
C LEU B 407 -3.44 -8.90 41.47
N LEU B 408 -3.97 -7.68 41.57
CA LEU B 408 -4.23 -7.10 42.88
C LEU B 408 -5.29 -7.89 43.64
N LEU B 409 -6.31 -8.40 42.93
CA LEU B 409 -7.31 -9.25 43.57
C LEU B 409 -6.69 -10.56 44.05
N ARG B 410 -5.78 -11.12 43.26
CA ARG B 410 -5.06 -12.32 43.69
C ARG B 410 -4.28 -12.06 44.99
N TRP B 411 -3.62 -10.90 45.06
CA TRP B 411 -2.85 -10.59 46.26
C TRP B 411 -3.75 -10.34 47.46
N ARG B 412 -4.82 -9.56 47.28
CA ARG B 412 -5.60 -9.07 48.42
C ARG B 412 -6.51 -10.14 49.01
N ARG B 413 -7.07 -11.01 48.18
CA ARG B 413 -8.06 -12.00 48.62
C ARG B 413 -7.57 -13.39 48.22
N PRO B 414 -6.62 -13.97 48.96
CA PRO B 414 -6.14 -15.32 48.63
C PRO B 414 -7.10 -16.43 49.04
N ALA B 415 -8.09 -16.14 49.88
CA ALA B 415 -9.04 -17.13 50.34
C ALA B 415 -10.31 -17.18 49.50
N LEU B 416 -10.42 -16.33 48.49
CA LEU B 416 -11.62 -16.32 47.65
C LEU B 416 -11.70 -17.62 46.86
N HIS B 417 -12.90 -18.19 46.81
CA HIS B 417 -13.10 -19.45 46.09
C HIS B 417 -13.13 -19.17 44.59
N ARG B 418 -12.15 -19.72 43.87
CA ARG B 418 -12.02 -19.51 42.43
C ARG B 418 -12.17 -20.85 41.71
N PRO B 419 -13.19 -21.00 40.86
CA PRO B 419 -13.38 -22.30 40.19
C PRO B 419 -12.19 -22.73 39.34
N ILE B 420 -11.52 -21.79 38.67
CA ILE B 420 -10.34 -22.08 37.87
C ILE B 420 -9.24 -21.10 38.25
N LYS B 421 -8.02 -21.60 38.39
CA LYS B 421 -6.87 -20.80 38.78
C LYS B 421 -5.82 -20.87 37.69
N VAL B 422 -5.34 -19.72 37.24
CA VAL B 422 -4.37 -19.65 36.16
C VAL B 422 -2.98 -19.40 36.76
N ASN B 423 -1.96 -19.83 36.03
CA ASN B 423 -0.58 -19.61 36.46
C ASN B 423 -0.22 -18.13 36.32
N LEU B 424 0.77 -17.72 37.12
CA LEU B 424 1.21 -16.31 37.09
C LEU B 424 1.91 -15.96 35.79
N LEU B 425 2.33 -16.96 35.01
CA LEU B 425 3.06 -16.69 33.77
C LEU B 425 2.22 -15.86 32.80
N ILE B 426 0.94 -16.21 32.65
CA ILE B 426 0.08 -15.47 31.72
C ILE B 426 -0.06 -14.02 32.12
N PRO B 427 -0.45 -13.67 33.36
CA PRO B 427 -0.52 -12.24 33.71
C PRO B 427 0.81 -11.52 33.63
N VAL B 428 1.91 -12.14 34.06
CA VAL B 428 3.17 -11.40 34.03
C VAL B 428 3.63 -11.16 32.60
N ALA B 429 3.50 -12.16 31.72
CA ALA B 429 3.88 -11.99 30.33
C ALA B 429 3.00 -10.95 29.64
N TYR B 430 1.69 -11.01 29.89
CA TYR B 430 0.80 -10.01 29.28
C TYR B 430 1.12 -8.62 29.79
N LEU B 431 1.42 -8.48 31.08
CA LEU B 431 1.75 -7.16 31.61
C LEU B 431 3.03 -6.62 30.99
N VAL B 432 4.05 -7.47 30.84
CA VAL B 432 5.30 -7.01 30.23
C VAL B 432 5.08 -6.59 28.80
N PHE B 433 4.37 -7.42 28.03
CA PHE B 433 4.09 -7.09 26.63
C PHE B 433 3.29 -5.80 26.52
N TRP B 434 2.29 -5.63 27.39
CA TRP B 434 1.47 -4.43 27.38
C TRP B 434 2.28 -3.18 27.68
N ALA B 435 3.17 -3.28 28.69
CA ALA B 435 4.00 -2.13 29.04
C ALA B 435 4.91 -1.74 27.89
N PHE B 436 5.58 -2.73 27.28
CA PHE B 436 6.46 -2.44 26.16
C PHE B 436 5.70 -1.82 25.00
N LEU B 437 4.53 -2.39 24.67
CA LEU B 437 3.73 -1.85 23.57
C LEU B 437 3.30 -0.42 23.86
N LEU B 438 2.88 -0.14 25.09
CA LEU B 438 2.41 1.21 25.40
C LEU B 438 3.54 2.23 25.32
N VAL B 439 4.72 1.92 25.88
CA VAL B 439 5.80 2.90 25.81
C VAL B 439 6.23 3.11 24.36
N PHE B 440 6.30 2.03 23.57
CA PHE B 440 6.75 2.16 22.20
C PHE B 440 5.75 2.92 21.35
N SER B 441 4.46 2.72 21.58
CA SER B 441 3.44 3.47 20.84
C SER B 441 3.40 4.93 21.28
N PHE B 442 3.64 5.20 22.56
CA PHE B 442 3.74 6.58 23.01
C PHE B 442 4.91 7.28 22.34
N ILE B 443 6.04 6.59 22.21
CA ILE B 443 7.20 7.19 21.54
C ILE B 443 6.91 7.41 20.06
N SER B 444 6.30 6.42 19.39
CA SER B 444 6.12 6.49 17.95
C SER B 444 5.15 7.60 17.55
N GLU B 445 3.97 7.63 18.15
CA GLU B 445 2.91 8.57 17.79
C GLU B 445 2.40 9.26 19.04
N PRO B 446 3.12 10.29 19.52
CA PRO B 446 2.71 10.94 20.77
C PRO B 446 1.35 11.62 20.70
N MET B 447 0.96 12.16 19.54
CA MET B 447 -0.19 13.05 19.50
C MET B 447 -1.50 12.33 19.80
N VAL B 448 -1.76 11.20 19.13
CA VAL B 448 -3.05 10.53 19.29
C VAL B 448 -3.16 9.91 20.67
N CYS B 449 -2.08 9.29 21.17
CA CYS B 449 -2.11 8.71 22.50
C CYS B 449 -2.25 9.79 23.56
N GLY B 450 -1.58 10.92 23.38
CA GLY B 450 -1.74 12.03 24.31
C GLY B 450 -3.16 12.56 24.33
N VAL B 451 -3.79 12.67 23.16
CA VAL B 451 -5.17 13.13 23.11
C VAL B 451 -6.08 12.14 23.83
N GLY B 452 -5.89 10.85 23.61
CA GLY B 452 -6.69 9.85 24.31
C GLY B 452 -6.51 9.91 25.82
N VAL B 453 -5.25 10.04 26.27
CA VAL B 453 -4.98 10.09 27.70
C VAL B 453 -5.59 11.36 28.30
N ILE B 454 -5.52 12.48 27.59
CA ILE B 454 -6.12 13.71 28.07
C ILE B 454 -7.63 13.58 28.19
N ILE B 455 -8.26 12.97 27.19
CA ILE B 455 -9.71 12.77 27.23
C ILE B 455 -10.09 11.89 28.42
N ILE B 456 -9.30 10.84 28.67
CA ILE B 456 -9.55 10.00 29.84
C ILE B 456 -9.39 10.80 31.13
N LEU B 457 -8.35 11.64 31.20
CA LEU B 457 -8.07 12.37 32.43
C LEU B 457 -9.11 13.43 32.72
N THR B 458 -9.77 13.97 31.69
CA THR B 458 -10.82 14.94 31.95
C THR B 458 -12.03 14.32 32.64
N GLY B 459 -12.12 12.99 32.71
CA GLY B 459 -13.24 12.36 33.37
C GLY B 459 -13.19 12.41 34.89
N VAL B 460 -12.01 12.63 35.46
CA VAL B 460 -11.88 12.69 36.92
C VAL B 460 -12.67 13.84 37.53
N PRO B 461 -12.54 15.09 37.07
CA PRO B 461 -13.32 16.17 37.70
C PRO B 461 -14.82 15.97 37.60
N ILE B 462 -15.33 15.40 36.50
CA ILE B 462 -16.76 15.15 36.40
C ILE B 462 -17.20 14.16 37.47
N PHE B 463 -16.43 13.09 37.68
CA PHE B 463 -16.77 12.14 38.72
C PHE B 463 -16.74 12.78 40.10
N PHE B 464 -15.70 13.57 40.38
CA PHE B 464 -15.61 14.19 41.70
C PHE B 464 -16.73 15.19 41.93
N LEU B 465 -17.15 15.91 40.89
CA LEU B 465 -18.21 16.89 41.03
C LEU B 465 -19.59 16.26 41.10
N GLY B 466 -19.79 15.13 40.43
CA GLY B 466 -21.12 14.52 40.34
C GLY B 466 -21.44 13.49 41.41
N VAL B 467 -20.59 12.49 41.56
CA VAL B 467 -20.88 11.36 42.43
C VAL B 467 -20.18 11.48 43.78
N PHE B 468 -18.89 11.86 43.78
CA PHE B 468 -18.20 12.06 45.04
C PHE B 468 -18.81 13.21 45.84
N TRP B 469 -19.17 14.29 45.16
CA TRP B 469 -19.77 15.45 45.80
C TRP B 469 -21.26 15.17 45.96
N ARG B 470 -21.70 15.00 47.21
CA ARG B 470 -23.08 14.64 47.51
C ARG B 470 -23.84 15.79 48.18
N SER B 471 -23.36 17.01 48.03
CA SER B 471 -24.00 18.20 48.59
C SER B 471 -24.48 19.12 47.47
N LYS B 472 -25.11 18.54 46.45
CA LYS B 472 -25.50 19.30 45.28
C LYS B 472 -26.49 20.40 45.65
N PRO B 473 -26.31 21.62 45.17
CA PRO B 473 -27.30 22.68 45.44
C PRO B 473 -28.63 22.35 44.76
N LYS B 474 -29.70 22.92 45.32
CA LYS B 474 -31.03 22.67 44.79
C LYS B 474 -31.17 23.09 43.33
N CYS B 475 -30.34 24.01 42.86
CA CYS B 475 -30.37 24.36 41.44
C CYS B 475 -29.97 23.18 40.57
N VAL B 476 -28.93 22.45 40.98
CA VAL B 476 -28.49 21.28 40.21
C VAL B 476 -29.56 20.21 40.21
N HIS B 477 -30.20 19.97 41.36
CA HIS B 477 -31.27 18.98 41.44
C HIS B 477 -32.44 19.39 40.55
N ARG B 478 -32.82 20.67 40.58
CA ARG B 478 -33.91 21.14 39.73
C ARG B 478 -33.57 20.98 38.26
N LEU B 479 -32.33 21.31 37.87
CA LEU B 479 -31.94 21.15 36.47
C LEU B 479 -31.97 19.69 36.05
N THR B 480 -31.48 18.79 36.91
CA THR B 480 -31.49 17.37 36.59
C THR B 480 -32.92 16.85 36.44
N GLU B 481 -33.80 17.22 37.38
CA GLU B 481 -35.19 16.78 37.29
C GLU B 481 -35.87 17.33 36.04
N SER B 482 -35.61 18.61 35.72
CA SER B 482 -36.20 19.20 34.53
C SER B 482 -35.74 18.50 33.27
N MET B 483 -34.44 18.21 33.16
CA MET B 483 -33.94 17.53 31.97
C MET B 483 -34.49 16.10 31.88
N THR B 484 -34.61 15.41 33.02
CA THR B 484 -35.17 14.07 32.99
C THR B 484 -36.64 14.09 32.55
N HIS B 485 -37.41 15.06 33.06
CA HIS B 485 -38.81 15.17 32.65
C HIS B 485 -38.92 15.50 31.17
N TRP B 486 -38.07 16.42 30.68
CA TRP B 486 -38.10 16.76 29.27
C TRP B 486 -37.78 15.54 28.40
N GLY B 487 -36.76 14.78 28.79
CA GLY B 487 -36.44 13.58 28.03
C GLY B 487 -37.54 12.55 28.06
N GLN B 488 -38.15 12.34 29.22
CA GLN B 488 -39.24 11.38 29.34
C GLN B 488 -40.41 11.78 28.47
N GLU B 489 -40.78 13.05 28.49
CA GLU B 489 -41.92 13.51 27.69
C GLU B 489 -41.61 13.43 26.20
N LEU B 490 -40.40 13.81 25.80
CA LEU B 490 -40.06 13.83 24.38
C LEU B 490 -39.95 12.43 23.82
N CYS B 491 -39.20 11.55 24.48
CA CYS B 491 -38.93 10.23 23.94
C CYS B 491 -39.96 9.18 24.34
N PHE B 492 -40.86 9.50 25.27
CA PHE B 492 -41.90 8.58 25.71
C PHE B 492 -41.29 7.29 26.27
N VAL B 493 -40.48 7.45 27.31
CA VAL B 493 -39.75 6.34 27.91
C VAL B 493 -39.96 6.34 29.42
N VAL B 494 -39.92 5.14 30.01
CA VAL B 494 -40.03 4.95 31.46
C VAL B 494 -38.91 4.05 31.93
N TYR B 495 -38.66 4.10 33.23
CA TYR B 495 -37.60 3.28 33.82
C TYR B 495 -37.98 1.80 33.75
N PRO B 496 -37.02 0.92 33.47
CA PRO B 496 -37.33 -0.52 33.42
C PRO B 496 -37.81 -1.03 34.78
N GLN B 497 -38.73 -1.99 34.73
CA GLN B 497 -39.27 -2.59 35.94
C GLN B 497 -38.46 -3.81 36.35
#